data_1N0Z
#
_entry.id   1N0Z
#
loop_
_entity.id
_entity.type
_entity.pdbx_description
1 polymer ZNF265
2 non-polymer 'ZINC ION'
#
_entity_poly.entity_id   1
_entity_poly.type   'polypeptide(L)'
_entity_poly.pdbx_seq_one_letter_code
;GSMSTKNFRVSDGDWICPDKKCGNVNFARRTSCDRCGREKTTGPI
;
_entity_poly.pdbx_strand_id   A
#
loop_
_chem_comp.id
_chem_comp.type
_chem_comp.name
_chem_comp.formula
ZN non-polymer 'ZINC ION' 'Zn 2'
#
# COMPACT_ATOMS: atom_id res chain seq x y z
N GLY A 1 2.35 14.98 -12.99
CA GLY A 1 1.63 15.47 -11.79
C GLY A 1 2.47 16.47 -11.02
N SER A 2 1.83 17.19 -10.11
CA SER A 2 2.51 18.21 -9.32
C SER A 2 3.39 17.57 -8.24
N MET A 3 4.36 18.34 -7.75
CA MET A 3 5.27 17.91 -6.70
C MET A 3 6.10 16.72 -7.15
N SER A 4 7.19 17.03 -7.85
CA SER A 4 8.11 16.00 -8.34
C SER A 4 8.76 15.25 -7.19
N THR A 5 8.28 14.04 -6.94
CA THR A 5 8.79 13.22 -5.87
C THR A 5 9.32 11.90 -6.42
N LYS A 6 10.54 11.55 -6.02
CA LYS A 6 11.12 10.27 -6.40
C LYS A 6 10.47 9.14 -5.60
N ASN A 7 10.05 9.49 -4.39
CA ASN A 7 9.30 8.58 -3.54
C ASN A 7 7.80 8.78 -3.77
N PHE A 8 7.00 7.85 -3.32
CA PHE A 8 5.56 7.94 -3.48
C PHE A 8 4.96 8.66 -2.30
N ARG A 9 3.65 8.56 -2.16
CA ARG A 9 2.95 9.16 -1.04
C ARG A 9 2.83 8.16 0.10
N VAL A 10 3.96 7.54 0.43
CA VAL A 10 4.00 6.47 1.41
C VAL A 10 5.40 6.38 2.01
N SER A 11 5.54 5.73 3.16
CA SER A 11 6.82 5.64 3.82
C SER A 11 7.53 4.32 3.51
N ASP A 12 8.49 3.95 4.35
CA ASP A 12 9.29 2.74 4.12
C ASP A 12 8.50 1.47 4.39
N GLY A 13 7.87 1.40 5.56
CA GLY A 13 7.18 0.19 5.95
C GLY A 13 5.84 0.04 5.28
N ASP A 14 5.09 1.12 5.26
CA ASP A 14 3.79 1.15 4.62
C ASP A 14 3.96 1.20 3.11
N TRP A 15 3.08 0.53 2.39
CA TRP A 15 3.24 0.40 0.95
C TRP A 15 1.95 0.76 0.23
N ILE A 16 2.04 0.86 -1.09
CA ILE A 16 0.89 1.10 -1.94
C ILE A 16 0.77 -0.04 -2.95
N CYS A 17 -0.45 -0.27 -3.44
CA CYS A 17 -0.72 -1.35 -4.40
C CYS A 17 0.37 -1.45 -5.47
N PRO A 18 0.70 -2.69 -5.89
CA PRO A 18 1.77 -2.93 -6.86
C PRO A 18 1.47 -2.28 -8.21
N ASP A 19 0.20 -1.99 -8.46
CA ASP A 19 -0.24 -1.34 -9.68
C ASP A 19 -0.56 0.12 -9.40
N LYS A 20 -0.35 0.97 -10.40
CA LYS A 20 -0.48 2.40 -10.22
C LYS A 20 -1.91 2.86 -10.48
N LYS A 21 -2.76 1.94 -10.93
CA LYS A 21 -4.18 2.22 -11.11
C LYS A 21 -4.83 2.49 -9.76
N CYS A 22 -4.45 1.68 -8.79
CA CYS A 22 -4.96 1.80 -7.43
C CYS A 22 -4.07 2.72 -6.64
N GLY A 23 -2.94 2.19 -6.19
CA GLY A 23 -2.01 2.98 -5.40
C GLY A 23 -2.57 3.29 -4.04
N ASN A 24 -3.40 2.39 -3.54
CA ASN A 24 -3.99 2.52 -2.22
C ASN A 24 -2.91 2.50 -1.16
N VAL A 25 -3.04 3.35 -0.15
CA VAL A 25 -2.14 3.31 0.98
C VAL A 25 -2.54 2.18 1.91
N ASN A 26 -1.81 1.09 1.84
CA ASN A 26 -2.14 -0.10 2.60
C ASN A 26 -1.69 0.06 4.05
N PHE A 27 -2.34 -0.68 4.94
CA PHE A 27 -2.02 -0.69 6.37
C PHE A 27 -0.50 -0.80 6.59
N ALA A 28 0.01 -2.03 6.52
CA ALA A 28 1.43 -2.31 6.67
C ALA A 28 1.64 -3.81 6.58
N ARG A 29 1.12 -4.51 7.58
CA ARG A 29 1.10 -5.97 7.57
C ARG A 29 0.00 -6.47 6.64
N ARG A 30 0.03 -5.99 5.41
CA ARG A 30 -0.95 -6.34 4.42
C ARG A 30 -0.31 -7.19 3.33
N THR A 31 -0.71 -8.44 3.26
CA THR A 31 -0.24 -9.31 2.20
C THR A 31 -1.13 -9.16 0.97
N SER A 32 -2.22 -8.44 1.17
CA SER A 32 -3.13 -8.10 0.10
C SER A 32 -3.61 -6.66 0.27
N CYS A 33 -3.95 -6.01 -0.84
CA CYS A 33 -4.46 -4.64 -0.82
C CYS A 33 -5.64 -4.49 0.13
N ASP A 34 -5.80 -3.27 0.64
CA ASP A 34 -6.90 -2.95 1.53
C ASP A 34 -8.12 -2.58 0.72
N ARG A 35 -7.89 -2.25 -0.55
CA ARG A 35 -8.96 -1.88 -1.46
C ARG A 35 -9.25 -3.02 -2.42
N CYS A 36 -8.20 -3.51 -3.09
CA CYS A 36 -8.34 -4.58 -4.05
C CYS A 36 -8.45 -5.94 -3.36
N GLY A 37 -7.47 -6.22 -2.52
CA GLY A 37 -7.30 -7.55 -2.00
C GLY A 37 -6.29 -8.30 -2.85
N ARG A 38 -5.56 -7.55 -3.67
CA ARG A 38 -4.53 -8.10 -4.53
C ARG A 38 -3.24 -8.29 -3.72
N GLU A 39 -2.50 -9.34 -4.03
CA GLU A 39 -1.36 -9.74 -3.22
C GLU A 39 -0.20 -8.76 -3.33
N LYS A 40 0.50 -8.58 -2.21
CA LYS A 40 1.69 -7.75 -2.15
C LYS A 40 2.75 -8.27 -3.11
N THR A 41 2.95 -7.54 -4.20
CA THR A 41 3.89 -7.96 -5.22
C THR A 41 4.83 -6.81 -5.57
N THR A 42 5.88 -7.11 -6.33
CA THR A 42 6.82 -6.10 -6.77
C THR A 42 6.16 -5.11 -7.72
N GLY A 43 5.71 -5.61 -8.87
CA GLY A 43 5.03 -4.78 -9.84
C GLY A 43 5.97 -4.07 -10.78
N PRO A 44 5.58 -3.94 -12.06
CA PRO A 44 6.37 -3.22 -13.06
C PRO A 44 6.23 -1.70 -12.89
N ILE A 45 6.87 -0.94 -13.77
CA ILE A 45 6.80 0.50 -13.70
C ILE A 45 5.58 1.01 -14.46
ZN ZN B . -5.17 -1.96 -4.61
N GLY A 1 -11.78 13.52 21.12
CA GLY A 1 -11.98 12.89 19.79
C GLY A 1 -10.80 12.03 19.40
N SER A 2 -9.96 12.55 18.51
CA SER A 2 -8.74 11.89 18.08
C SER A 2 -9.00 10.47 17.57
N MET A 3 -9.91 10.35 16.61
CA MET A 3 -10.12 9.08 15.93
C MET A 3 -9.09 8.92 14.83
N SER A 4 -9.20 9.76 13.80
CA SER A 4 -8.21 9.83 12.74
C SER A 4 -7.04 10.69 13.19
N THR A 5 -7.39 11.81 13.83
CA THR A 5 -6.42 12.75 14.38
C THR A 5 -5.52 13.37 13.31
N LYS A 6 -4.41 12.71 13.03
CA LYS A 6 -3.45 13.23 12.06
C LYS A 6 -3.62 12.50 10.73
N ASN A 7 -3.25 13.16 9.64
CA ASN A 7 -3.32 12.55 8.32
C ASN A 7 -2.25 11.47 8.19
N PHE A 8 -2.70 10.25 7.93
CA PHE A 8 -1.83 9.11 7.89
C PHE A 8 -0.99 9.11 6.61
N ARG A 9 0.28 9.36 6.77
CA ARG A 9 1.23 9.26 5.67
C ARG A 9 1.93 7.91 5.74
N VAL A 10 2.09 7.27 4.60
CA VAL A 10 2.75 5.98 4.54
C VAL A 10 4.21 6.12 4.93
N SER A 11 4.67 5.23 5.80
CA SER A 11 6.03 5.28 6.30
C SER A 11 7.03 4.85 5.22
N ASP A 12 8.31 4.92 5.56
CA ASP A 12 9.38 4.65 4.60
C ASP A 12 9.36 3.20 4.15
N GLY A 13 9.09 2.29 5.09
CA GLY A 13 9.03 0.88 4.77
C GLY A 13 7.62 0.44 4.40
N ASP A 14 6.71 1.40 4.32
CA ASP A 14 5.33 1.10 3.96
C ASP A 14 5.20 1.04 2.43
N TRP A 15 3.97 0.93 1.97
CA TRP A 15 3.67 0.84 0.56
C TRP A 15 2.25 1.30 0.32
N ILE A 16 1.73 1.04 -0.86
CA ILE A 16 0.34 1.34 -1.16
C ILE A 16 -0.31 0.17 -1.88
N CYS A 17 0.02 0.03 -3.16
CA CYS A 17 -0.41 -1.08 -3.97
C CYS A 17 0.75 -1.45 -4.90
N PRO A 18 0.82 -2.71 -5.39
CA PRO A 18 1.85 -3.11 -6.35
C PRO A 18 1.63 -2.43 -7.69
N ASP A 19 0.43 -1.87 -7.85
CA ASP A 19 0.07 -1.15 -9.06
C ASP A 19 0.04 0.35 -8.76
N LYS A 20 -0.22 1.14 -9.79
CA LYS A 20 -0.26 2.59 -9.64
C LYS A 20 -1.63 3.13 -10.00
N LYS A 21 -2.46 2.27 -10.58
CA LYS A 21 -3.83 2.65 -10.94
C LYS A 21 -4.77 2.46 -9.76
N CYS A 22 -4.21 1.95 -8.66
CA CYS A 22 -4.96 1.68 -7.46
C CYS A 22 -4.39 2.51 -6.31
N GLY A 23 -3.38 1.97 -5.64
CA GLY A 23 -2.70 2.70 -4.58
C GLY A 23 -3.54 2.85 -3.33
N ASN A 24 -3.93 1.72 -2.74
CA ASN A 24 -4.72 1.73 -1.51
C ASN A 24 -3.84 2.05 -0.31
N VAL A 25 -4.46 2.49 0.77
CA VAL A 25 -3.74 2.82 2.00
C VAL A 25 -3.41 1.55 2.79
N ASN A 26 -2.62 0.69 2.17
CA ASN A 26 -2.19 -0.55 2.81
C ASN A 26 -0.90 -0.30 3.56
N PHE A 27 -0.86 -0.62 4.85
CA PHE A 27 0.36 -0.48 5.61
C PHE A 27 1.23 -1.71 5.43
N ALA A 28 2.45 -1.63 5.93
CA ALA A 28 3.43 -2.70 5.80
C ALA A 28 2.86 -4.08 6.13
N ARG A 29 2.22 -4.20 7.30
CA ARG A 29 1.65 -5.46 7.74
C ARG A 29 0.44 -5.88 6.91
N ARG A 30 -0.08 -4.96 6.11
CA ARG A 30 -1.21 -5.25 5.24
C ARG A 30 -0.71 -5.99 4.02
N THR A 31 -0.62 -7.30 4.11
CA THR A 31 -0.04 -8.11 3.04
C THR A 31 -0.97 -8.22 1.83
N SER A 32 -2.14 -7.59 1.91
CA SER A 32 -3.12 -7.67 0.84
C SER A 32 -3.84 -6.34 0.63
N CYS A 33 -3.99 -5.94 -0.63
CA CYS A 33 -4.76 -4.76 -0.96
C CYS A 33 -6.23 -5.00 -0.69
N ASP A 34 -6.86 -4.00 -0.14
CA ASP A 34 -8.28 -4.09 0.20
C ASP A 34 -9.12 -3.39 -0.87
N ARG A 35 -8.45 -2.88 -1.88
CA ARG A 35 -9.11 -2.08 -2.90
C ARG A 35 -9.31 -2.86 -4.20
N CYS A 36 -8.21 -3.31 -4.79
CA CYS A 36 -8.26 -3.90 -6.12
C CYS A 36 -8.43 -5.41 -6.06
N GLY A 37 -7.46 -6.08 -5.46
CA GLY A 37 -7.46 -7.52 -5.43
C GLY A 37 -7.17 -8.08 -4.06
N ARG A 38 -5.89 -8.23 -3.73
CA ARG A 38 -5.49 -8.96 -2.55
C ARG A 38 -3.97 -8.89 -2.35
N GLU A 39 -3.37 -10.06 -2.10
CA GLU A 39 -1.95 -10.19 -1.74
C GLU A 39 -1.04 -9.33 -2.62
N LYS A 40 0.02 -8.83 -1.99
CA LYS A 40 0.98 -7.97 -2.64
C LYS A 40 1.73 -8.71 -3.75
N THR A 41 1.36 -8.41 -4.99
CA THR A 41 1.96 -9.05 -6.15
C THR A 41 3.40 -8.60 -6.35
N THR A 42 4.31 -9.32 -5.72
CA THR A 42 5.73 -8.97 -5.80
C THR A 42 6.58 -10.21 -6.02
N GLY A 43 7.02 -10.41 -7.26
CA GLY A 43 7.84 -11.56 -7.59
C GLY A 43 9.07 -11.21 -8.39
N PRO A 44 10.04 -10.49 -7.79
CA PRO A 44 11.29 -10.15 -8.45
C PRO A 44 12.36 -11.22 -8.23
N ILE A 45 13.55 -10.98 -8.74
CA ILE A 45 14.65 -11.90 -8.53
C ILE A 45 15.77 -11.20 -7.77
ZN ZN B . -4.59 -2.23 -5.00
N GLY A 1 -12.15 4.21 9.33
CA GLY A 1 -11.69 5.37 8.54
C GLY A 1 -10.82 6.32 9.35
N SER A 2 -9.91 6.99 8.70
CA SER A 2 -8.99 7.91 9.37
C SER A 2 -9.58 9.32 9.40
N MET A 3 -9.90 9.79 10.60
CA MET A 3 -10.44 11.15 10.77
C MET A 3 -10.09 11.71 12.14
N SER A 4 -9.03 12.50 12.18
CA SER A 4 -8.61 13.19 13.40
C SER A 4 -8.33 12.20 14.53
N THR A 5 -7.73 11.07 14.19
CA THR A 5 -7.34 10.08 15.17
C THR A 5 -5.92 10.35 15.68
N LYS A 6 -5.10 9.31 15.73
CA LYS A 6 -3.72 9.46 16.17
C LYS A 6 -2.78 9.49 14.97
N ASN A 7 -1.63 10.12 15.15
CA ASN A 7 -0.60 10.14 14.11
C ASN A 7 0.15 8.81 14.10
N PHE A 8 -0.02 8.06 13.03
CA PHE A 8 0.61 6.76 12.91
C PHE A 8 1.72 6.77 11.88
N ARG A 9 2.94 7.01 12.33
CA ARG A 9 4.10 6.87 11.47
C ARG A 9 4.45 5.40 11.34
N VAL A 10 4.14 4.82 10.18
CA VAL A 10 4.35 3.41 9.95
C VAL A 10 5.84 3.08 9.92
N SER A 11 6.37 2.65 11.06
CA SER A 11 7.79 2.34 11.18
C SER A 11 8.12 1.02 10.48
N ASP A 12 7.08 0.26 10.20
CA ASP A 12 7.24 -1.03 9.55
C ASP A 12 7.41 -0.86 8.05
N GLY A 13 6.76 0.17 7.51
CA GLY A 13 6.86 0.43 6.09
C GLY A 13 5.52 0.35 5.39
N ASP A 14 4.90 1.49 5.21
CA ASP A 14 3.61 1.55 4.52
C ASP A 14 3.82 1.52 3.02
N TRP A 15 2.89 0.90 2.32
CA TRP A 15 2.99 0.76 0.89
C TRP A 15 1.64 1.05 0.25
N ILE A 16 1.60 0.98 -1.06
CA ILE A 16 0.40 1.30 -1.81
C ILE A 16 -0.19 0.07 -2.48
N CYS A 17 -0.09 -0.02 -3.80
CA CYS A 17 -0.60 -1.16 -4.54
C CYS A 17 0.45 -1.59 -5.56
N PRO A 18 0.69 -2.91 -5.73
CA PRO A 18 1.78 -3.42 -6.55
C PRO A 18 1.64 -3.04 -8.01
N ASP A 19 0.40 -2.82 -8.43
CA ASP A 19 0.10 -2.45 -9.79
C ASP A 19 -1.11 -1.53 -9.79
N LYS A 20 -1.52 -1.06 -10.96
CA LYS A 20 -2.69 -0.26 -11.11
C LYS A 20 -2.46 1.12 -10.56
N LYS A 21 -3.15 2.07 -11.13
CA LYS A 21 -3.17 3.44 -10.61
C LYS A 21 -4.05 3.53 -9.36
N CYS A 22 -3.96 2.49 -8.53
CA CYS A 22 -4.65 2.43 -7.25
C CYS A 22 -3.90 3.30 -6.25
N GLY A 23 -2.82 2.74 -5.74
CA GLY A 23 -1.98 3.46 -4.80
C GLY A 23 -2.67 3.62 -3.46
N ASN A 24 -3.41 2.60 -3.06
CA ASN A 24 -4.12 2.63 -1.79
C ASN A 24 -3.13 2.53 -0.63
N VAL A 25 -3.26 3.41 0.35
CA VAL A 25 -2.34 3.44 1.49
C VAL A 25 -2.67 2.31 2.46
N ASN A 26 -1.92 1.23 2.35
CA ASN A 26 -2.15 0.06 3.17
C ASN A 26 -1.44 0.18 4.51
N PHE A 27 -2.00 -0.46 5.53
CA PHE A 27 -1.44 -0.45 6.88
C PHE A 27 0.06 -0.75 6.88
N ALA A 28 0.39 -2.02 6.80
CA ALA A 28 1.77 -2.49 6.75
C ALA A 28 1.77 -4.01 6.66
N ARG A 29 1.17 -4.65 7.66
CA ARG A 29 1.07 -6.10 7.69
C ARG A 29 -0.12 -6.58 6.87
N ARG A 30 -0.18 -6.12 5.63
CA ARG A 30 -1.18 -6.55 4.68
C ARG A 30 -0.49 -7.15 3.46
N THR A 31 -0.72 -8.42 3.21
CA THR A 31 -0.13 -9.09 2.06
C THR A 31 -0.95 -8.82 0.80
N SER A 32 -2.06 -8.12 0.96
CA SER A 32 -2.92 -7.77 -0.15
C SER A 32 -3.48 -6.36 0.03
N CYS A 33 -3.83 -5.72 -1.09
CA CYS A 33 -4.43 -4.40 -1.06
C CYS A 33 -5.72 -4.41 -0.24
N ASP A 34 -5.88 -3.39 0.58
CA ASP A 34 -7.09 -3.20 1.38
C ASP A 34 -8.24 -2.77 0.49
N ARG A 35 -7.92 -2.41 -0.75
CA ARG A 35 -8.92 -1.98 -1.70
C ARG A 35 -9.13 -3.02 -2.78
N CYS A 36 -8.07 -3.37 -3.49
CA CYS A 36 -8.16 -4.33 -4.58
C CYS A 36 -8.21 -5.77 -4.08
N GLY A 37 -7.46 -6.04 -3.03
CA GLY A 37 -7.29 -7.40 -2.58
C GLY A 37 -6.16 -8.08 -3.35
N ARG A 38 -5.40 -7.28 -4.08
CA ARG A 38 -4.27 -7.79 -4.85
C ARG A 38 -3.08 -7.98 -3.93
N GLU A 39 -2.45 -9.13 -4.05
CA GLU A 39 -1.36 -9.50 -3.16
C GLU A 39 -0.07 -8.77 -3.52
N LYS A 40 0.82 -8.68 -2.55
CA LYS A 40 2.16 -8.17 -2.78
C LYS A 40 2.96 -9.21 -3.57
N THR A 41 2.70 -9.23 -4.88
CA THR A 41 3.25 -10.23 -5.78
C THR A 41 4.74 -10.45 -5.58
N THR A 42 5.09 -11.59 -4.99
CA THR A 42 6.47 -11.96 -4.78
C THR A 42 7.14 -12.26 -6.12
N GLY A 43 8.19 -11.53 -6.43
CA GLY A 43 8.87 -11.69 -7.71
C GLY A 43 10.35 -11.41 -7.60
N PRO A 44 10.75 -10.13 -7.61
CA PRO A 44 12.16 -9.75 -7.41
C PRO A 44 12.65 -10.19 -6.03
N ILE A 45 11.76 -10.11 -5.07
CA ILE A 45 12.02 -10.55 -3.71
C ILE A 45 10.94 -11.54 -3.30
ZN ZN B . -5.09 -1.55 -4.78
N GLY A 1 5.10 21.58 23.14
CA GLY A 1 5.38 20.15 23.46
C GLY A 1 4.84 19.23 22.39
N SER A 2 5.01 17.93 22.59
CA SER A 2 4.55 16.94 21.63
C SER A 2 3.02 16.81 21.66
N MET A 3 2.37 17.40 20.68
CA MET A 3 0.91 17.35 20.59
C MET A 3 0.46 16.36 19.52
N SER A 4 1.40 15.91 18.70
CA SER A 4 1.12 14.90 17.70
C SER A 4 1.33 13.50 18.28
N THR A 5 0.26 12.94 18.84
CA THR A 5 0.33 11.60 19.42
C THR A 5 0.29 10.52 18.33
N LYS A 6 -0.83 9.83 18.21
CA LYS A 6 -0.95 8.74 17.26
C LYS A 6 -1.70 9.19 16.01
N ASN A 7 -1.29 10.32 15.46
CA ASN A 7 -1.92 10.87 14.27
C ASN A 7 -1.62 10.02 13.05
N PHE A 8 -2.67 9.51 12.41
CA PHE A 8 -2.53 8.68 11.23
C PHE A 8 -2.31 9.51 9.97
N ARG A 9 -1.24 10.30 9.96
CA ARG A 9 -0.84 11.01 8.76
C ARG A 9 -0.07 10.07 7.87
N VAL A 10 -0.80 9.11 7.30
CA VAL A 10 -0.24 8.04 6.47
C VAL A 10 0.41 6.97 7.33
N SER A 11 0.11 5.71 7.01
CA SER A 11 0.59 4.56 7.77
C SER A 11 2.11 4.45 7.73
N ASP A 12 2.67 3.79 8.74
CA ASP A 12 4.11 3.67 8.87
C ASP A 12 4.71 2.72 7.84
N GLY A 13 4.12 1.55 7.70
CA GLY A 13 4.70 0.52 6.86
C GLY A 13 3.93 0.29 5.58
N ASP A 14 3.35 1.35 5.05
CA ASP A 14 2.64 1.27 3.78
C ASP A 14 3.62 0.95 2.66
N TRP A 15 3.15 0.33 1.58
CA TRP A 15 4.03 -0.08 0.50
C TRP A 15 3.48 0.39 -0.81
N ILE A 16 2.26 0.83 -0.71
CA ILE A 16 1.44 1.19 -1.85
C ILE A 16 1.02 -0.08 -2.62
N CYS A 17 -0.23 -0.12 -3.06
CA CYS A 17 -0.77 -1.25 -3.82
C CYS A 17 0.23 -1.75 -4.88
N PRO A 18 0.23 -3.07 -5.14
CA PRO A 18 1.10 -3.66 -6.15
C PRO A 18 0.68 -3.24 -7.55
N ASP A 19 -0.51 -2.67 -7.65
CA ASP A 19 -1.06 -2.22 -8.92
C ASP A 19 -0.84 -0.73 -9.09
N LYS A 20 -1.30 -0.19 -10.19
CA LYS A 20 -1.17 1.23 -10.45
C LYS A 20 -2.54 1.89 -10.61
N LYS A 21 -3.58 1.14 -10.26
CA LYS A 21 -4.94 1.64 -10.34
C LYS A 21 -5.42 2.15 -8.99
N CYS A 22 -4.82 1.62 -7.93
CA CYS A 22 -5.16 2.04 -6.58
C CYS A 22 -4.20 3.10 -6.06
N GLY A 23 -2.99 2.65 -5.74
CA GLY A 23 -2.08 3.46 -4.98
C GLY A 23 -2.60 3.58 -3.56
N ASN A 24 -3.17 2.48 -3.08
CA ASN A 24 -3.78 2.40 -1.77
C ASN A 24 -2.77 2.66 -0.67
N VAL A 25 -3.19 3.42 0.32
CA VAL A 25 -2.40 3.65 1.52
C VAL A 25 -2.68 2.54 2.51
N ASN A 26 -1.93 1.47 2.39
CA ASN A 26 -2.19 0.29 3.19
C ASN A 26 -1.60 0.46 4.58
N PHE A 27 -2.01 -0.43 5.49
CA PHE A 27 -1.53 -0.36 6.87
C PHE A 27 -0.03 -0.62 6.95
N ALA A 28 0.35 -1.88 6.79
CA ALA A 28 1.76 -2.28 6.80
C ALA A 28 1.86 -3.77 6.58
N ARG A 29 1.57 -4.55 7.61
CA ARG A 29 1.68 -6.00 7.56
C ARG A 29 0.50 -6.60 6.81
N ARG A 30 0.12 -5.98 5.70
CA ARG A 30 -0.90 -6.52 4.83
C ARG A 30 -0.25 -7.27 3.69
N THR A 31 -0.78 -8.43 3.39
CA THR A 31 -0.27 -9.23 2.29
C THR A 31 -1.11 -9.00 1.02
N SER A 32 -2.08 -8.12 1.14
CA SER A 32 -2.96 -7.81 0.03
C SER A 32 -3.44 -6.36 0.11
N CYS A 33 -3.79 -5.81 -1.03
CA CYS A 33 -4.35 -4.48 -1.13
C CYS A 33 -5.73 -4.42 -0.47
N ASP A 34 -6.11 -3.23 -0.04
CA ASP A 34 -7.41 -3.01 0.57
C ASP A 34 -8.35 -2.41 -0.46
N ARG A 35 -7.78 -1.86 -1.52
CA ARG A 35 -8.55 -1.21 -2.56
C ARG A 35 -8.99 -2.22 -3.63
N CYS A 36 -8.07 -3.07 -4.08
CA CYS A 36 -8.43 -4.09 -5.06
C CYS A 36 -8.33 -5.49 -4.46
N GLY A 37 -7.17 -5.82 -3.93
CA GLY A 37 -6.97 -7.11 -3.32
C GLY A 37 -5.78 -7.84 -3.90
N ARG A 38 -5.01 -7.13 -4.72
CA ARG A 38 -3.78 -7.69 -5.26
C ARG A 38 -2.80 -8.02 -4.14
N GLU A 39 -2.15 -9.17 -4.24
CA GLU A 39 -1.24 -9.64 -3.22
C GLU A 39 0.08 -8.89 -3.26
N LYS A 40 0.74 -8.83 -2.11
CA LYS A 40 2.07 -8.24 -2.00
C LYS A 40 3.04 -8.98 -2.92
N THR A 41 3.42 -8.32 -4.01
CA THR A 41 4.27 -8.92 -5.01
C THR A 41 5.68 -9.18 -4.47
N THR A 42 6.37 -8.11 -4.12
CA THR A 42 7.71 -8.22 -3.57
C THR A 42 7.94 -7.16 -2.50
N GLY A 43 7.49 -5.95 -2.78
CA GLY A 43 7.67 -4.85 -1.86
C GLY A 43 8.07 -3.59 -2.60
N PRO A 44 9.31 -3.53 -3.10
CA PRO A 44 9.72 -2.47 -4.01
C PRO A 44 8.98 -2.56 -5.32
N ILE A 45 8.60 -3.78 -5.66
CA ILE A 45 7.85 -4.08 -6.88
C ILE A 45 6.65 -4.96 -6.52
ZN ZN B . -4.96 -2.32 -5.20
N GLY A 1 -9.19 9.69 18.28
CA GLY A 1 -8.84 11.13 18.28
C GLY A 1 -7.44 11.36 17.78
N SER A 2 -6.67 12.16 18.53
CA SER A 2 -5.29 12.47 18.19
C SER A 2 -5.15 12.96 16.75
N MET A 3 -6.07 13.83 16.33
CA MET A 3 -6.01 14.40 15.00
C MET A 3 -5.51 15.85 15.07
N SER A 4 -6.41 16.76 15.42
CA SER A 4 -6.10 18.19 15.45
C SER A 4 -5.55 18.65 14.10
N THR A 5 -4.23 18.81 14.01
CA THR A 5 -3.59 19.23 12.77
C THR A 5 -2.75 18.09 12.17
N LYS A 6 -2.78 16.94 12.83
CA LYS A 6 -2.02 15.78 12.37
C LYS A 6 -2.93 14.80 11.64
N ASN A 7 -3.39 15.19 10.46
CA ASN A 7 -4.26 14.35 9.66
C ASN A 7 -3.43 13.45 8.75
N PHE A 8 -3.96 12.27 8.46
CA PHE A 8 -3.33 11.33 7.54
C PHE A 8 -1.94 10.93 8.00
N ARG A 9 -1.88 10.04 8.98
CA ARG A 9 -0.60 9.52 9.45
C ARG A 9 -0.26 8.23 8.72
N VAL A 10 0.93 8.19 8.14
CA VAL A 10 1.38 7.02 7.39
C VAL A 10 2.77 6.62 7.84
N SER A 11 2.94 5.35 8.17
CA SER A 11 4.22 4.83 8.61
C SER A 11 5.15 4.66 7.41
N ASP A 12 6.43 4.93 7.60
CA ASP A 12 7.39 4.68 6.55
C ASP A 12 7.69 3.20 6.46
N GLY A 13 7.97 2.74 5.26
CA GLY A 13 8.12 1.31 5.03
C GLY A 13 6.81 0.68 4.63
N ASP A 14 5.74 1.45 4.79
CA ASP A 14 4.40 1.03 4.37
C ASP A 14 4.34 1.05 2.85
N TRP A 15 3.36 0.36 2.30
CA TRP A 15 3.19 0.29 0.87
C TRP A 15 1.78 0.74 0.52
N ILE A 16 1.66 1.60 -0.47
CA ILE A 16 0.33 2.05 -0.88
C ILE A 16 -0.42 0.91 -1.55
N CYS A 17 0.21 0.35 -2.58
CA CYS A 17 -0.35 -0.74 -3.35
C CYS A 17 0.79 -1.39 -4.13
N PRO A 18 0.58 -2.57 -4.74
CA PRO A 18 1.63 -3.27 -5.47
C PRO A 18 2.06 -2.47 -6.70
N ASP A 19 1.09 -1.80 -7.31
CA ASP A 19 1.32 -0.98 -8.47
C ASP A 19 0.25 0.09 -8.55
N LYS A 20 0.49 1.12 -9.34
CA LYS A 20 -0.49 2.18 -9.49
C LYS A 20 -1.63 1.76 -10.43
N LYS A 21 -1.95 0.47 -10.41
CA LYS A 21 -3.10 -0.03 -11.15
C LYS A 21 -4.35 0.27 -10.34
N CYS A 22 -4.24 0.12 -9.03
CA CYS A 22 -5.28 0.57 -8.15
C CYS A 22 -4.90 1.92 -7.57
N GLY A 23 -4.24 1.85 -6.43
CA GLY A 23 -3.74 3.05 -5.79
C GLY A 23 -4.44 3.33 -4.46
N ASN A 24 -4.25 2.43 -3.51
CA ASN A 24 -4.82 2.58 -2.18
C ASN A 24 -3.72 2.97 -1.19
N VAL A 25 -4.05 3.01 0.10
CA VAL A 25 -3.05 3.26 1.14
C VAL A 25 -3.03 2.08 2.11
N ASN A 26 -2.19 1.10 1.82
CA ASN A 26 -2.17 -0.15 2.57
C ASN A 26 -1.10 -0.11 3.67
N PHE A 27 -1.17 -1.08 4.56
CA PHE A 27 -0.23 -1.18 5.66
C PHE A 27 0.80 -2.26 5.37
N ALA A 28 2.03 -2.03 5.79
CA ALA A 28 3.15 -2.95 5.57
C ALA A 28 2.84 -4.39 6.00
N ARG A 29 2.04 -4.56 7.06
CA ARG A 29 1.71 -5.88 7.54
C ARG A 29 0.59 -6.50 6.69
N ARG A 30 0.08 -5.74 5.75
CA ARG A 30 -0.96 -6.21 4.85
C ARG A 30 -0.32 -7.03 3.75
N THR A 31 -0.85 -8.22 3.54
CA THR A 31 -0.34 -9.09 2.49
C THR A 31 -1.05 -8.83 1.17
N SER A 32 -2.15 -8.08 1.25
CA SER A 32 -2.93 -7.79 0.08
C SER A 32 -3.54 -6.40 0.19
N CYS A 33 -3.90 -5.84 -0.96
CA CYS A 33 -4.64 -4.61 -1.05
C CYS A 33 -5.94 -4.72 -0.24
N ASP A 34 -6.25 -3.69 0.52
CA ASP A 34 -7.44 -3.68 1.37
C ASP A 34 -8.69 -3.30 0.59
N ARG A 35 -8.56 -2.30 -0.27
CA ARG A 35 -9.71 -1.75 -0.98
C ARG A 35 -9.85 -2.40 -2.36
N CYS A 36 -8.72 -2.55 -3.04
CA CYS A 36 -8.68 -3.09 -4.39
C CYS A 36 -8.78 -4.61 -4.40
N GLY A 37 -7.86 -5.27 -3.70
CA GLY A 37 -7.95 -6.72 -3.55
C GLY A 37 -6.87 -7.50 -4.29
N ARG A 38 -5.76 -6.85 -4.63
CA ARG A 38 -4.62 -7.57 -5.20
C ARG A 38 -3.67 -7.97 -4.08
N GLU A 39 -2.72 -8.84 -4.35
CA GLU A 39 -1.75 -9.23 -3.34
C GLU A 39 -0.47 -8.41 -3.45
N LYS A 40 0.21 -8.22 -2.33
CA LYS A 40 1.47 -7.49 -2.31
C LYS A 40 2.59 -8.37 -2.87
N THR A 41 2.53 -8.64 -4.16
CA THR A 41 3.53 -9.46 -4.83
C THR A 41 4.84 -8.69 -4.97
N THR A 42 4.75 -7.38 -5.11
CA THR A 42 5.93 -6.54 -5.27
C THR A 42 6.72 -6.44 -3.97
N GLY A 43 7.85 -7.11 -3.93
CA GLY A 43 8.73 -7.05 -2.78
C GLY A 43 10.17 -6.91 -3.19
N PRO A 44 11.12 -7.08 -2.27
CA PRO A 44 12.55 -7.01 -2.57
C PRO A 44 13.06 -8.25 -3.29
N ILE A 45 12.50 -8.51 -4.46
CA ILE A 45 12.90 -9.65 -5.28
C ILE A 45 13.61 -9.16 -6.52
ZN ZN B . -4.28 -1.80 -4.41
N GLY A 1 12.23 11.11 -18.10
CA GLY A 1 11.91 11.51 -16.71
C GLY A 1 10.57 10.97 -16.25
N SER A 2 10.24 11.17 -14.99
CA SER A 2 9.00 10.66 -14.42
C SER A 2 7.81 11.48 -14.90
N MET A 3 7.28 11.08 -16.06
CA MET A 3 6.13 11.77 -16.65
C MET A 3 4.92 10.84 -16.68
N SER A 4 5.01 9.76 -15.92
CA SER A 4 3.93 8.79 -15.83
C SER A 4 2.97 9.16 -14.70
N THR A 5 3.11 10.39 -14.20
CA THR A 5 2.33 10.86 -13.06
C THR A 5 2.75 10.13 -11.78
N LYS A 6 3.50 10.81 -10.93
CA LYS A 6 3.98 10.24 -9.68
C LYS A 6 2.82 9.71 -8.84
N ASN A 7 2.81 8.39 -8.65
CA ASN A 7 1.79 7.75 -7.83
C ASN A 7 1.91 8.17 -6.37
N PHE A 8 0.87 7.93 -5.58
CA PHE A 8 0.89 8.27 -4.17
C PHE A 8 1.92 7.44 -3.41
N ARG A 9 3.11 7.99 -3.29
CA ARG A 9 4.18 7.33 -2.57
C ARG A 9 4.16 7.76 -1.11
N VAL A 10 4.27 6.79 -0.22
CA VAL A 10 4.27 7.06 1.21
C VAL A 10 5.63 6.73 1.79
N SER A 11 5.85 7.10 3.04
CA SER A 11 7.07 6.76 3.74
C SER A 11 7.19 5.25 3.84
N ASP A 12 8.40 4.74 3.71
CA ASP A 12 8.61 3.29 3.68
C ASP A 12 8.14 2.65 4.98
N GLY A 13 7.85 1.38 4.90
CA GLY A 13 7.18 0.68 5.97
C GLY A 13 5.71 0.58 5.68
N ASP A 14 5.16 1.68 5.19
CA ASP A 14 3.80 1.73 4.69
C ASP A 14 3.83 1.46 3.20
N TRP A 15 2.92 0.64 2.71
CA TRP A 15 2.92 0.31 1.29
C TRP A 15 1.55 0.56 0.68
N ILE A 16 1.56 0.91 -0.60
CA ILE A 16 0.32 1.16 -1.31
C ILE A 16 -0.07 -0.08 -2.12
N CYS A 17 -0.12 0.04 -3.44
CA CYS A 17 -0.38 -1.11 -4.28
C CYS A 17 0.78 -1.26 -5.26
N PRO A 18 1.09 -2.48 -5.70
CA PRO A 18 2.22 -2.71 -6.58
C PRO A 18 2.13 -1.89 -7.87
N ASP A 19 0.89 -1.63 -8.30
CA ASP A 19 0.65 -0.92 -9.55
C ASP A 19 0.07 0.47 -9.28
N LYS A 20 -0.29 1.18 -10.34
CA LYS A 20 -0.75 2.56 -10.23
C LYS A 20 -2.27 2.65 -10.37
N LYS A 21 -2.88 1.53 -10.77
CA LYS A 21 -4.34 1.47 -10.88
C LYS A 21 -5.00 1.74 -9.53
N CYS A 22 -4.37 1.24 -8.48
CA CYS A 22 -4.82 1.52 -7.13
C CYS A 22 -4.17 2.79 -6.61
N GLY A 23 -2.92 2.65 -6.18
CA GLY A 23 -2.24 3.71 -5.47
C GLY A 23 -2.89 3.93 -4.13
N ASN A 24 -3.48 2.87 -3.61
CA ASN A 24 -4.23 2.93 -2.37
C ASN A 24 -3.30 2.77 -1.18
N VAL A 25 -3.46 3.62 -0.20
CA VAL A 25 -2.63 3.58 0.99
C VAL A 25 -3.08 2.47 1.92
N ASN A 26 -2.47 1.31 1.73
CA ASN A 26 -2.78 0.12 2.52
C ASN A 26 -2.10 0.18 3.87
N PHE A 27 -2.19 -0.90 4.62
CA PHE A 27 -1.53 -0.99 5.92
C PHE A 27 -0.01 -1.16 5.75
N ALA A 28 0.56 -2.12 6.46
CA ALA A 28 2.00 -2.32 6.45
C ALA A 28 2.29 -3.82 6.43
N ARG A 29 1.89 -4.50 7.50
CA ARG A 29 2.03 -5.96 7.58
C ARG A 29 0.93 -6.64 6.78
N ARG A 30 0.64 -6.10 5.61
CA ARG A 30 -0.44 -6.60 4.78
C ARG A 30 0.10 -7.28 3.53
N THR A 31 -0.23 -8.54 3.37
CA THR A 31 0.15 -9.28 2.19
C THR A 31 -0.99 -9.25 1.16
N SER A 32 -1.86 -8.26 1.32
CA SER A 32 -2.96 -8.03 0.39
C SER A 32 -3.36 -6.56 0.44
N CYS A 33 -3.87 -6.05 -0.68
CA CYS A 33 -4.38 -4.68 -0.76
C CYS A 33 -5.57 -4.48 0.16
N ASP A 34 -5.81 -3.23 0.50
CA ASP A 34 -6.98 -2.83 1.27
C ASP A 34 -8.11 -2.45 0.33
N ARG A 35 -7.74 -2.15 -0.92
CA ARG A 35 -8.71 -1.67 -1.91
C ARG A 35 -9.08 -2.76 -2.91
N CYS A 36 -8.13 -3.16 -3.75
CA CYS A 36 -8.42 -4.14 -4.78
C CYS A 36 -8.40 -5.54 -4.19
N GLY A 37 -7.58 -5.74 -3.17
CA GLY A 37 -7.65 -6.94 -2.38
C GLY A 37 -6.80 -8.08 -2.91
N ARG A 38 -6.01 -7.82 -3.95
CA ARG A 38 -5.12 -8.85 -4.46
C ARG A 38 -3.96 -9.09 -3.51
N GLU A 39 -3.23 -10.17 -3.71
CA GLU A 39 -2.13 -10.54 -2.83
C GLU A 39 -0.93 -9.62 -3.07
N LYS A 40 0.11 -9.79 -2.28
CA LYS A 40 1.32 -8.98 -2.40
C LYS A 40 2.17 -9.45 -3.57
N THR A 41 1.55 -9.50 -4.73
CA THR A 41 2.22 -9.91 -5.94
C THR A 41 2.89 -8.70 -6.58
N THR A 42 4.21 -8.76 -6.69
CA THR A 42 4.96 -7.67 -7.25
C THR A 42 5.75 -8.13 -8.47
N GLY A 43 5.31 -9.25 -9.03
CA GLY A 43 5.90 -9.76 -10.25
C GLY A 43 5.33 -9.07 -11.46
N PRO A 44 6.16 -8.81 -12.49
CA PRO A 44 5.73 -8.14 -13.71
C PRO A 44 4.71 -8.96 -14.50
N ILE A 45 3.45 -8.63 -14.34
CA ILE A 45 2.37 -9.33 -15.03
C ILE A 45 1.42 -8.32 -15.65
ZN ZN B . -4.69 -2.51 -4.87
N GLY A 1 11.23 12.70 10.90
CA GLY A 1 10.94 14.09 11.36
C GLY A 1 11.51 14.37 12.73
N SER A 2 12.17 15.50 12.87
CA SER A 2 12.80 15.88 14.13
C SER A 2 11.75 16.05 15.23
N MET A 3 11.87 15.24 16.27
CA MET A 3 10.96 15.28 17.43
C MET A 3 9.58 14.71 17.09
N SER A 4 8.97 15.23 16.03
CA SER A 4 7.65 14.80 15.62
C SER A 4 7.71 13.49 14.82
N THR A 5 7.86 12.38 15.52
CA THR A 5 7.88 11.07 14.87
C THR A 5 6.47 10.57 14.58
N LYS A 6 5.48 11.42 14.81
CA LYS A 6 4.11 11.13 14.42
C LYS A 6 3.90 11.57 12.98
N ASN A 7 4.60 10.91 12.06
CA ASN A 7 4.59 11.31 10.66
C ASN A 7 3.65 10.44 9.84
N PHE A 8 3.95 10.33 8.54
CA PHE A 8 3.10 9.62 7.61
C PHE A 8 3.45 8.16 7.57
N ARG A 9 2.48 7.33 7.89
CA ARG A 9 2.61 5.89 7.74
C ARG A 9 2.46 5.50 6.27
N VAL A 10 3.47 5.85 5.49
CA VAL A 10 3.50 5.58 4.07
C VAL A 10 4.95 5.42 3.62
N SER A 11 5.78 5.04 4.57
CA SER A 11 7.22 4.94 4.38
C SER A 11 7.64 3.48 4.17
N ASP A 12 8.76 3.11 4.79
CA ASP A 12 9.18 1.72 4.84
C ASP A 12 8.46 1.03 5.99
N GLY A 13 8.31 -0.28 5.90
CA GLY A 13 7.47 -0.99 6.84
C GLY A 13 6.05 -1.03 6.36
N ASP A 14 5.60 0.11 5.90
CA ASP A 14 4.30 0.24 5.26
C ASP A 14 4.49 0.09 3.75
N TRP A 15 3.39 0.12 3.00
CA TRP A 15 3.46 0.07 1.55
C TRP A 15 2.17 0.58 0.93
N ILE A 16 2.30 1.18 -0.24
CA ILE A 16 1.15 1.52 -1.04
C ILE A 16 0.98 0.48 -2.13
N CYS A 17 -0.23 0.35 -2.64
CA CYS A 17 -0.57 -0.67 -3.62
C CYS A 17 0.47 -0.75 -4.75
N PRO A 18 0.73 -1.96 -5.25
CA PRO A 18 1.90 -2.23 -6.08
C PRO A 18 1.85 -1.59 -7.46
N ASP A 19 0.66 -1.45 -8.01
CA ASP A 19 0.51 -0.96 -9.37
C ASP A 19 -0.21 0.37 -9.42
N LYS A 20 -0.24 0.97 -10.60
CA LYS A 20 -0.88 2.27 -10.81
C LYS A 20 -2.39 2.10 -10.90
N LYS A 21 -2.82 0.90 -11.29
CA LYS A 21 -4.25 0.57 -11.33
C LYS A 21 -4.79 0.42 -9.92
N CYS A 22 -3.87 0.28 -8.97
CA CYS A 22 -4.20 0.22 -7.57
C CYS A 22 -4.02 1.61 -6.94
N GLY A 23 -2.79 1.89 -6.52
CA GLY A 23 -2.43 3.19 -5.99
C GLY A 23 -3.06 3.49 -4.65
N ASN A 24 -3.58 2.47 -4.00
CA ASN A 24 -4.26 2.62 -2.72
C ASN A 24 -3.24 2.70 -1.58
N VAL A 25 -3.65 3.36 -0.49
CA VAL A 25 -2.84 3.41 0.71
C VAL A 25 -3.24 2.29 1.67
N ASN A 26 -2.40 1.28 1.76
CA ASN A 26 -2.71 0.09 2.55
C ASN A 26 -2.29 0.27 4.00
N PHE A 27 -2.61 -0.73 4.81
CA PHE A 27 -2.26 -0.73 6.24
C PHE A 27 -0.74 -0.70 6.44
N ALA A 28 -0.13 -1.87 6.50
CA ALA A 28 1.32 -2.02 6.68
C ALA A 28 1.66 -3.50 6.70
N ARG A 29 1.16 -4.19 7.72
CA ARG A 29 1.34 -5.64 7.83
C ARG A 29 0.36 -6.36 6.91
N ARG A 30 0.42 -6.03 5.63
CA ARG A 30 -0.47 -6.61 4.64
C ARG A 30 0.33 -7.20 3.49
N THR A 31 0.04 -8.44 3.13
CA THR A 31 0.63 -9.04 1.95
C THR A 31 -0.34 -8.91 0.78
N SER A 32 -1.51 -8.37 1.08
CA SER A 32 -2.53 -8.12 0.07
C SER A 32 -3.04 -6.70 0.22
N CYS A 33 -3.77 -6.22 -0.79
CA CYS A 33 -4.28 -4.87 -0.81
C CYS A 33 -5.15 -4.55 0.40
N ASP A 34 -5.46 -3.26 0.54
CA ASP A 34 -6.31 -2.79 1.62
C ASP A 34 -7.74 -2.57 1.12
N ARG A 35 -7.86 -2.02 -0.09
CA ARG A 35 -9.17 -1.72 -0.65
C ARG A 35 -9.54 -2.70 -1.76
N CYS A 36 -8.60 -2.92 -2.66
CA CYS A 36 -8.84 -3.69 -3.88
C CYS A 36 -8.90 -5.20 -3.62
N GLY A 37 -7.98 -5.69 -2.82
CA GLY A 37 -7.97 -7.10 -2.50
C GLY A 37 -7.13 -7.91 -3.45
N ARG A 38 -6.02 -7.34 -3.87
CA ARG A 38 -5.07 -8.02 -4.73
C ARG A 38 -3.91 -8.55 -3.91
N GLU A 39 -3.07 -9.37 -4.52
CA GLU A 39 -1.85 -9.79 -3.86
C GLU A 39 -0.74 -8.82 -4.23
N LYS A 40 0.22 -8.63 -3.33
CA LYS A 40 1.33 -7.71 -3.57
C LYS A 40 2.08 -8.08 -4.84
N THR A 41 1.83 -7.32 -5.90
CA THR A 41 2.50 -7.52 -7.17
C THR A 41 3.97 -7.14 -7.06
N THR A 42 4.83 -8.15 -7.03
CA THR A 42 6.26 -7.94 -6.93
C THR A 42 6.99 -8.84 -7.91
N GLY A 43 7.49 -8.27 -8.99
CA GLY A 43 8.15 -9.04 -10.01
C GLY A 43 8.09 -8.34 -11.36
N PRO A 44 6.92 -8.32 -12.02
CA PRO A 44 6.73 -7.63 -13.29
C PRO A 44 6.76 -6.11 -13.11
N ILE A 45 7.41 -5.44 -14.04
CA ILE A 45 7.51 -3.98 -13.99
C ILE A 45 7.01 -3.39 -15.31
ZN ZN B . -4.51 -2.55 -4.41
N GLY A 1 11.54 2.41 -9.85
CA GLY A 1 11.29 0.96 -9.64
C GLY A 1 11.98 0.10 -10.68
N SER A 2 11.50 0.15 -11.91
CA SER A 2 12.05 -0.64 -12.99
C SER A 2 13.44 -0.14 -13.41
N MET A 3 13.56 1.17 -13.58
CA MET A 3 14.85 1.76 -13.97
C MET A 3 15.79 1.82 -12.78
N SER A 4 15.49 2.74 -11.86
CA SER A 4 16.22 2.82 -10.61
C SER A 4 15.50 2.00 -9.55
N THR A 5 16.24 1.32 -8.68
CA THR A 5 15.64 0.42 -7.70
C THR A 5 15.03 1.17 -6.51
N LYS A 6 14.68 2.43 -6.71
CA LYS A 6 14.04 3.23 -5.69
C LYS A 6 12.54 3.27 -5.93
N ASN A 7 11.80 2.56 -5.11
CA ASN A 7 10.35 2.51 -5.24
C ASN A 7 9.69 3.45 -4.25
N PHE A 8 8.40 3.71 -4.46
CA PHE A 8 7.65 4.61 -3.61
C PHE A 8 7.26 3.94 -2.29
N ARG A 9 8.20 3.90 -1.36
CA ARG A 9 7.92 3.38 -0.03
C ARG A 9 7.66 4.53 0.92
N VAL A 10 6.47 4.53 1.53
CA VAL A 10 6.09 5.57 2.48
C VAL A 10 7.03 5.54 3.67
N SER A 11 7.57 6.70 4.01
CA SER A 11 8.55 6.82 5.10
C SER A 11 7.92 6.50 6.45
N ASP A 12 6.61 6.45 6.45
CA ASP A 12 5.85 6.10 7.65
C ASP A 12 5.94 4.62 7.92
N GLY A 13 6.29 3.85 6.90
CA GLY A 13 6.44 2.42 7.04
C GLY A 13 5.39 1.65 6.27
N ASP A 14 4.38 2.36 5.80
CA ASP A 14 3.27 1.74 5.08
C ASP A 14 3.63 1.52 3.61
N TRP A 15 2.80 0.74 2.92
CA TRP A 15 2.96 0.52 1.50
C TRP A 15 1.63 0.75 0.79
N ILE A 16 1.63 0.75 -0.53
CA ILE A 16 0.42 1.04 -1.29
C ILE A 16 -0.10 -0.19 -2.03
N CYS A 17 0.18 -0.24 -3.33
CA CYS A 17 -0.23 -1.36 -4.15
C CYS A 17 0.85 -1.57 -5.22
N PRO A 18 1.09 -2.80 -5.66
CA PRO A 18 2.09 -3.08 -6.69
C PRO A 18 1.77 -2.38 -8.01
N ASP A 19 0.48 -2.16 -8.25
CA ASP A 19 0.01 -1.52 -9.47
C ASP A 19 0.00 0.00 -9.31
N LYS A 20 -0.35 0.71 -10.38
CA LYS A 20 -0.32 2.16 -10.37
C LYS A 20 -1.72 2.74 -10.51
N LYS A 21 -2.67 1.90 -10.91
CA LYS A 21 -4.05 2.35 -11.04
C LYS A 21 -4.74 2.38 -9.68
N CYS A 22 -4.26 1.53 -8.77
CA CYS A 22 -4.80 1.44 -7.43
C CYS A 22 -4.25 2.56 -6.57
N GLY A 23 -3.02 2.38 -6.11
CA GLY A 23 -2.38 3.37 -5.27
C GLY A 23 -3.03 3.48 -3.91
N ASN A 24 -3.70 2.41 -3.50
CA ASN A 24 -4.39 2.37 -2.22
C ASN A 24 -3.39 2.44 -1.08
N VAL A 25 -3.68 3.26 -0.08
CA VAL A 25 -2.83 3.32 1.09
C VAL A 25 -3.10 2.12 1.99
N ASN A 26 -2.29 1.10 1.85
CA ASN A 26 -2.44 -0.10 2.63
C ASN A 26 -1.78 0.06 3.99
N PHE A 27 -1.76 -1.01 4.74
CA PHE A 27 -1.05 -1.05 6.01
C PHE A 27 0.46 -1.19 5.76
N ALA A 28 1.11 -2.06 6.51
CA ALA A 28 2.54 -2.25 6.35
C ALA A 28 2.85 -3.74 6.33
N ARG A 29 2.32 -4.46 7.31
CA ARG A 29 2.46 -5.92 7.34
C ARG A 29 1.33 -6.59 6.57
N ARG A 30 0.60 -5.80 5.78
CA ARG A 30 -0.48 -6.33 4.96
C ARG A 30 0.10 -7.01 3.72
N THR A 31 -0.28 -8.25 3.52
CA THR A 31 0.17 -8.99 2.35
C THR A 31 -0.81 -8.82 1.19
N SER A 32 -1.95 -8.21 1.48
CA SER A 32 -2.97 -7.97 0.48
C SER A 32 -3.50 -6.55 0.58
N CYS A 33 -3.90 -6.01 -0.57
CA CYS A 33 -4.52 -4.69 -0.64
C CYS A 33 -5.82 -4.62 0.13
N ASP A 34 -6.21 -3.40 0.44
CA ASP A 34 -7.44 -3.13 1.14
C ASP A 34 -8.52 -2.67 0.16
N ARG A 35 -8.07 -2.09 -0.96
CA ARG A 35 -9.00 -1.53 -1.93
C ARG A 35 -9.32 -2.55 -3.02
N CYS A 36 -8.32 -2.93 -3.80
CA CYS A 36 -8.56 -3.85 -4.90
C CYS A 36 -8.64 -5.28 -4.41
N GLY A 37 -7.77 -5.63 -3.46
CA GLY A 37 -7.91 -6.90 -2.76
C GLY A 37 -6.97 -7.98 -3.24
N ARG A 38 -6.02 -7.63 -4.11
CA ARG A 38 -5.06 -8.62 -4.61
C ARG A 38 -3.94 -8.85 -3.60
N GLU A 39 -3.12 -9.86 -3.83
CA GLU A 39 -1.99 -10.14 -2.95
C GLU A 39 -0.75 -9.39 -3.40
N LYS A 40 0.17 -9.16 -2.48
CA LYS A 40 1.40 -8.42 -2.77
C LYS A 40 2.39 -9.29 -3.52
N THR A 41 2.56 -9.01 -4.81
CA THR A 41 3.50 -9.74 -5.65
C THR A 41 4.94 -9.48 -5.20
N THR A 42 5.18 -8.25 -4.74
CA THR A 42 6.51 -7.83 -4.28
C THR A 42 7.51 -7.86 -5.42
N GLY A 43 7.17 -7.17 -6.51
CA GLY A 43 8.08 -7.02 -7.62
C GLY A 43 8.66 -5.62 -7.66
N PRO A 44 9.97 -5.46 -7.45
CA PRO A 44 10.60 -4.14 -7.42
C PRO A 44 10.63 -3.48 -8.79
N ILE A 45 10.78 -4.30 -9.82
CA ILE A 45 10.88 -3.79 -11.19
C ILE A 45 9.51 -3.72 -11.84
ZN ZN B . -4.67 -2.41 -4.72
N GLY A 1 -18.54 -3.03 5.82
CA GLY A 1 -18.83 -3.60 7.15
C GLY A 1 -17.85 -3.12 8.21
N SER A 2 -18.38 -2.62 9.31
CA SER A 2 -17.57 -2.14 10.42
C SER A 2 -17.05 -3.32 11.25
N MET A 3 -15.90 -3.85 10.86
CA MET A 3 -15.30 -4.97 11.59
C MET A 3 -14.13 -4.48 12.43
N SER A 4 -13.12 -3.96 11.77
CA SER A 4 -11.92 -3.48 12.45
C SER A 4 -11.49 -2.15 11.87
N THR A 5 -12.46 -1.40 11.37
CA THR A 5 -12.22 -0.15 10.65
C THR A 5 -11.34 0.83 11.44
N LYS A 6 -10.19 1.15 10.89
CA LYS A 6 -9.29 2.13 11.48
C LYS A 6 -9.44 3.47 10.75
N ASN A 7 -8.69 4.46 11.19
CA ASN A 7 -8.72 5.78 10.56
C ASN A 7 -7.82 5.82 9.34
N PHE A 8 -7.86 6.92 8.61
CA PHE A 8 -7.10 7.06 7.37
C PHE A 8 -5.64 7.44 7.65
N ARG A 9 -5.25 7.40 8.91
CA ARG A 9 -3.90 7.77 9.30
C ARG A 9 -2.90 6.78 8.71
N VAL A 10 -1.85 7.31 8.10
CA VAL A 10 -0.85 6.48 7.45
C VAL A 10 0.13 5.91 8.47
N SER A 11 0.38 4.62 8.37
CA SER A 11 1.31 3.96 9.28
C SER A 11 2.72 3.99 8.71
N ASP A 12 3.70 3.91 9.59
CA ASP A 12 5.09 3.83 9.17
C ASP A 12 5.48 2.36 9.02
N GLY A 13 6.26 2.07 7.99
CA GLY A 13 6.54 0.69 7.63
C GLY A 13 5.49 0.16 6.69
N ASP A 14 4.85 1.09 6.00
CA ASP A 14 3.75 0.81 5.11
C ASP A 14 4.22 0.64 3.66
N TRP A 15 3.26 0.51 2.76
CA TRP A 15 3.52 0.40 1.34
C TRP A 15 2.31 0.88 0.56
N ILE A 16 2.44 1.00 -0.75
CA ILE A 16 1.31 1.29 -1.61
C ILE A 16 1.03 0.09 -2.49
N CYS A 17 -0.23 -0.04 -2.90
CA CYS A 17 -0.68 -1.10 -3.78
C CYS A 17 0.30 -1.37 -4.93
N PRO A 18 0.41 -2.65 -5.35
CA PRO A 18 1.43 -3.08 -6.33
C PRO A 18 1.34 -2.34 -7.66
N ASP A 19 0.15 -1.89 -8.02
CA ASP A 19 -0.04 -1.23 -9.31
C ASP A 19 -0.57 0.18 -9.14
N LYS A 20 -0.72 0.88 -10.26
CA LYS A 20 -1.16 2.26 -10.25
C LYS A 20 -2.68 2.32 -10.36
N LYS A 21 -3.27 1.30 -10.98
CA LYS A 21 -4.73 1.19 -11.05
C LYS A 21 -5.27 0.87 -9.66
N CYS A 22 -4.41 0.26 -8.85
CA CYS A 22 -4.68 0.03 -7.45
C CYS A 22 -4.41 1.33 -6.68
N GLY A 23 -3.13 1.54 -6.37
CA GLY A 23 -2.68 2.79 -5.74
C GLY A 23 -3.44 3.19 -4.49
N ASN A 24 -3.62 2.25 -3.58
CA ASN A 24 -4.23 2.53 -2.29
C ASN A 24 -3.19 2.55 -1.18
N VAL A 25 -3.49 3.26 -0.10
CA VAL A 25 -2.65 3.25 1.08
C VAL A 25 -3.01 2.06 1.97
N ASN A 26 -2.12 1.09 2.04
CA ASN A 26 -2.37 -0.13 2.80
C ASN A 26 -1.90 0.05 4.24
N PHE A 27 -2.41 -0.80 5.13
CA PHE A 27 -2.10 -0.73 6.55
C PHE A 27 -0.58 -0.70 6.79
N ALA A 28 0.06 -1.86 6.65
CA ALA A 28 1.50 -2.00 6.86
C ALA A 28 1.91 -3.44 6.63
N ARG A 29 1.71 -4.27 7.65
CA ARG A 29 2.04 -5.69 7.56
C ARG A 29 0.92 -6.45 6.87
N ARG A 30 0.54 -5.96 5.70
CA ARG A 30 -0.50 -6.60 4.91
C ARG A 30 0.13 -7.26 3.69
N THR A 31 -0.18 -8.53 3.48
CA THR A 31 0.35 -9.26 2.35
C THR A 31 -0.58 -9.16 1.15
N SER A 32 -1.60 -8.34 1.28
CA SER A 32 -2.55 -8.10 0.21
C SER A 32 -2.97 -6.64 0.20
N CYS A 33 -3.42 -6.16 -0.95
CA CYS A 33 -3.96 -4.81 -1.07
C CYS A 33 -5.12 -4.64 -0.10
N ASP A 34 -5.37 -3.42 0.31
CA ASP A 34 -6.29 -3.16 1.39
C ASP A 34 -7.65 -2.69 0.90
N ARG A 35 -7.78 -2.43 -0.40
CA ARG A 35 -9.02 -1.84 -0.90
C ARG A 35 -9.40 -2.26 -2.32
N CYS A 36 -8.43 -2.43 -3.22
CA CYS A 36 -8.75 -2.42 -4.65
C CYS A 36 -8.29 -3.67 -5.39
N GLY A 37 -7.22 -4.30 -4.93
CA GLY A 37 -6.62 -5.37 -5.69
C GLY A 37 -6.57 -6.69 -4.95
N ARG A 38 -5.35 -7.08 -4.57
CA ARG A 38 -5.12 -8.42 -4.02
C ARG A 38 -3.71 -8.54 -3.47
N GLU A 39 -3.21 -9.78 -3.39
CA GLU A 39 -1.91 -10.11 -2.81
C GLU A 39 -0.80 -9.17 -3.26
N LYS A 40 0.17 -8.97 -2.38
CA LYS A 40 1.31 -8.09 -2.61
C LYS A 40 2.11 -8.55 -3.82
N THR A 41 1.77 -8.01 -4.98
CA THR A 41 2.43 -8.37 -6.23
C THR A 41 3.72 -7.56 -6.43
N THR A 42 3.95 -6.61 -5.53
CA THR A 42 5.14 -5.79 -5.58
C THR A 42 6.35 -6.53 -4.99
N GLY A 43 6.07 -7.65 -4.33
CA GLY A 43 7.11 -8.39 -3.66
C GLY A 43 7.30 -7.91 -2.23
N PRO A 44 8.53 -8.01 -1.69
CA PRO A 44 8.83 -7.58 -0.32
C PRO A 44 8.89 -6.07 -0.19
N ILE A 45 9.62 -5.59 0.80
CA ILE A 45 9.81 -4.15 0.98
C ILE A 45 11.07 -3.71 0.26
ZN ZN B . -5.16 -1.72 -4.05
N GLY A 1 22.53 13.40 3.12
CA GLY A 1 21.20 13.76 3.64
C GLY A 1 20.14 12.80 3.16
N SER A 2 18.88 13.15 3.36
CA SER A 2 17.76 12.30 2.98
C SER A 2 17.32 12.57 1.54
N MET A 3 18.05 13.44 0.87
CA MET A 3 17.73 13.80 -0.52
C MET A 3 18.30 12.78 -1.49
N SER A 4 17.89 11.54 -1.34
CA SER A 4 18.30 10.47 -2.25
C SER A 4 17.14 9.51 -2.51
N THR A 5 16.68 8.85 -1.46
CA THR A 5 15.57 7.91 -1.57
C THR A 5 14.26 8.60 -1.18
N LYS A 6 13.76 9.46 -2.07
CA LYS A 6 12.53 10.19 -1.82
C LYS A 6 11.36 9.54 -2.57
N ASN A 7 11.54 8.28 -2.92
CA ASN A 7 10.55 7.57 -3.71
C ASN A 7 9.39 7.08 -2.84
N PHE A 8 9.72 6.71 -1.62
CA PHE A 8 8.74 6.16 -0.70
C PHE A 8 8.38 7.19 0.36
N ARG A 9 7.17 7.70 0.27
CA ARG A 9 6.65 8.65 1.25
C ARG A 9 5.90 7.89 2.34
N VAL A 10 6.42 6.72 2.66
CA VAL A 10 5.79 5.83 3.62
C VAL A 10 6.86 5.12 4.44
N SER A 11 6.46 4.45 5.51
CA SER A 11 7.40 3.81 6.42
C SER A 11 8.04 2.54 5.83
N ASP A 12 8.71 1.78 6.68
CA ASP A 12 9.49 0.61 6.24
C ASP A 12 8.59 -0.55 5.83
N GLY A 13 7.73 -0.98 6.73
CA GLY A 13 6.88 -2.14 6.48
C GLY A 13 5.60 -1.76 5.78
N ASP A 14 5.38 -0.46 5.65
CA ASP A 14 4.20 0.06 4.96
C ASP A 14 4.42 -0.03 3.46
N TRP A 15 3.33 0.01 2.70
CA TRP A 15 3.42 -0.07 1.26
C TRP A 15 2.16 0.44 0.60
N ILE A 16 2.26 0.72 -0.70
CA ILE A 16 1.11 1.09 -1.50
C ILE A 16 0.87 0.01 -2.55
N CYS A 17 -0.35 -0.03 -3.09
CA CYS A 17 -0.74 -1.05 -4.06
C CYS A 17 0.32 -1.24 -5.14
N PRO A 18 0.56 -2.48 -5.57
CA PRO A 18 1.55 -2.77 -6.60
C PRO A 18 1.03 -2.42 -7.99
N ASP A 19 -0.27 -2.14 -8.05
CA ASP A 19 -0.95 -1.91 -9.31
C ASP A 19 -1.26 -0.44 -9.50
N LYS A 20 -1.51 -0.04 -10.73
CA LYS A 20 -1.75 1.37 -11.05
C LYS A 20 -3.24 1.67 -11.11
N LYS A 21 -4.04 0.81 -10.49
CA LYS A 21 -5.48 1.05 -10.39
C LYS A 21 -5.79 1.74 -9.08
N CYS A 22 -5.05 1.39 -8.04
CA CYS A 22 -5.26 1.97 -6.73
C CYS A 22 -4.25 3.07 -6.45
N GLY A 23 -3.05 2.64 -6.08
CA GLY A 23 -2.09 3.54 -5.48
C GLY A 23 -2.49 3.80 -4.05
N ASN A 24 -3.29 2.87 -3.55
CA ASN A 24 -3.87 2.94 -2.21
C ASN A 24 -2.78 2.90 -1.15
N VAL A 25 -2.99 3.63 -0.07
CA VAL A 25 -2.08 3.59 1.04
C VAL A 25 -2.48 2.46 1.99
N ASN A 26 -1.80 1.33 1.86
CA ASN A 26 -2.14 0.15 2.64
C ASN A 26 -1.58 0.28 4.04
N PHE A 27 -2.08 -0.54 4.95
CA PHE A 27 -1.69 -0.48 6.35
C PHE A 27 -0.19 -0.75 6.52
N ALA A 28 0.18 -2.02 6.61
CA ALA A 28 1.58 -2.42 6.79
C ALA A 28 1.66 -3.94 6.85
N ARG A 29 0.95 -4.52 7.82
CA ARG A 29 0.86 -5.97 7.94
C ARG A 29 -0.13 -6.55 6.91
N ARG A 30 -0.21 -5.90 5.76
CA ARG A 30 -1.15 -6.28 4.73
C ARG A 30 -0.47 -7.12 3.68
N THR A 31 -0.96 -8.32 3.48
CA THR A 31 -0.41 -9.22 2.48
C THR A 31 -1.15 -9.06 1.17
N SER A 32 -2.20 -8.27 1.20
CA SER A 32 -2.96 -7.93 0.01
C SER A 32 -3.41 -6.49 0.08
N CYS A 33 -3.90 -5.97 -1.03
CA CYS A 33 -4.36 -4.59 -1.11
C CYS A 33 -5.54 -4.34 -0.18
N ASP A 34 -5.72 -3.09 0.17
CA ASP A 34 -6.84 -2.67 1.00
C ASP A 34 -7.95 -2.15 0.09
N ARG A 35 -7.62 -2.00 -1.19
CA ARG A 35 -8.58 -1.51 -2.16
C ARG A 35 -8.99 -2.60 -3.15
N CYS A 36 -8.04 -3.16 -3.90
CA CYS A 36 -8.38 -4.15 -4.93
C CYS A 36 -8.25 -5.57 -4.39
N GLY A 37 -7.09 -5.89 -3.86
CA GLY A 37 -6.89 -7.20 -3.29
C GLY A 37 -5.65 -7.89 -3.85
N ARG A 38 -4.85 -7.15 -4.62
CA ARG A 38 -3.61 -7.70 -5.15
C ARG A 38 -2.65 -8.05 -4.02
N GLU A 39 -1.81 -9.06 -4.23
CA GLU A 39 -0.92 -9.54 -3.18
C GLU A 39 0.24 -8.58 -2.97
N LYS A 40 0.82 -8.62 -1.77
CA LYS A 40 1.97 -7.79 -1.43
C LYS A 40 3.18 -8.17 -2.29
N THR A 41 3.31 -7.51 -3.43
CA THR A 41 4.36 -7.83 -4.39
C THR A 41 5.62 -7.02 -4.09
N THR A 42 6.03 -7.00 -2.83
CA THR A 42 7.23 -6.28 -2.43
C THR A 42 8.47 -7.15 -2.61
N GLY A 43 8.67 -7.61 -3.84
CA GLY A 43 9.82 -8.44 -4.16
C GLY A 43 10.43 -8.06 -5.48
N PRO A 44 10.19 -8.85 -6.53
CA PRO A 44 10.62 -8.52 -7.87
C PRO A 44 9.56 -7.69 -8.59
N ILE A 45 9.87 -6.42 -8.83
CA ILE A 45 8.94 -5.51 -9.47
C ILE A 45 9.28 -5.37 -10.94
ZN ZN B . -4.91 -2.29 -5.13
N GLY A 1 13.52 7.22 -18.29
CA GLY A 1 14.52 8.04 -17.57
C GLY A 1 14.11 8.29 -16.14
N SER A 2 14.19 9.54 -15.72
CA SER A 2 13.84 9.91 -14.36
C SER A 2 12.33 10.13 -14.23
N MET A 3 11.58 9.04 -14.29
CA MET A 3 10.13 9.11 -14.17
C MET A 3 9.72 9.14 -12.70
N SER A 4 10.10 10.21 -12.02
CA SER A 4 9.79 10.39 -10.62
C SER A 4 8.66 11.40 -10.45
N THR A 5 8.26 11.65 -9.21
CA THR A 5 7.22 12.62 -8.92
C THR A 5 7.50 13.30 -7.57
N LYS A 6 6.50 14.00 -7.04
CA LYS A 6 6.63 14.64 -5.74
C LYS A 6 6.25 13.66 -4.64
N ASN A 7 7.09 12.64 -4.47
CA ASN A 7 6.86 11.57 -3.49
C ASN A 7 6.56 12.13 -2.11
N PHE A 8 5.33 11.92 -1.66
CA PHE A 8 4.87 12.46 -0.40
C PHE A 8 5.52 11.74 0.77
N ARG A 9 5.17 12.18 1.95
CA ARG A 9 5.75 11.65 3.18
C ARG A 9 5.00 10.40 3.63
N VAL A 10 4.73 9.51 2.68
CA VAL A 10 4.06 8.25 2.96
C VAL A 10 4.95 7.07 2.57
N SER A 11 6.22 7.37 2.31
CA SER A 11 7.17 6.35 1.87
C SER A 11 7.99 5.83 3.05
N ASP A 12 7.29 5.46 4.11
CA ASP A 12 7.91 4.91 5.31
C ASP A 12 8.21 3.42 5.11
N GLY A 13 8.05 2.64 6.17
CA GLY A 13 8.22 1.20 6.07
C GLY A 13 6.93 0.52 5.64
N ASP A 14 5.97 1.33 5.24
CA ASP A 14 4.68 0.84 4.77
C ASP A 14 4.69 0.70 3.26
N TRP A 15 3.53 0.41 2.70
CA TRP A 15 3.37 0.33 1.26
C TRP A 15 1.99 0.82 0.87
N ILE A 16 1.86 1.31 -0.34
CA ILE A 16 0.56 1.73 -0.82
C ILE A 16 -0.09 0.59 -1.60
N CYS A 17 0.34 0.44 -2.85
CA CYS A 17 -0.19 -0.57 -3.72
C CYS A 17 0.88 -1.00 -4.73
N PRO A 18 0.83 -2.25 -5.21
CA PRO A 18 1.85 -2.80 -6.09
C PRO A 18 1.74 -2.27 -7.52
N ASP A 19 0.58 -1.71 -7.83
CA ASP A 19 0.25 -1.33 -9.19
C ASP A 19 -0.10 0.16 -9.27
N LYS A 20 -0.06 0.69 -10.48
CA LYS A 20 -0.47 2.07 -10.72
C LYS A 20 -1.98 2.10 -11.01
N LYS A 21 -2.52 0.93 -11.32
CA LYS A 21 -3.96 0.77 -11.50
C LYS A 21 -4.61 0.40 -10.17
N CYS A 22 -3.80 0.44 -9.12
CA CYS A 22 -4.25 0.14 -7.78
C CYS A 22 -4.53 1.46 -7.04
N GLY A 23 -3.50 1.97 -6.39
CA GLY A 23 -3.55 3.28 -5.76
C GLY A 23 -4.39 3.32 -4.50
N ASN A 24 -4.07 2.47 -3.54
CA ASN A 24 -4.70 2.50 -2.22
C ASN A 24 -3.62 2.65 -1.15
N VAL A 25 -4.02 2.94 0.08
CA VAL A 25 -3.07 3.02 1.18
C VAL A 25 -3.23 1.81 2.10
N ASN A 26 -2.30 0.88 2.01
CA ASN A 26 -2.39 -0.37 2.75
C ASN A 26 -1.48 -0.36 3.98
N PHE A 27 -1.53 -1.46 4.74
CA PHE A 27 -0.68 -1.62 5.90
C PHE A 27 0.50 -2.52 5.55
N ALA A 28 1.68 -2.12 6.01
CA ALA A 28 2.92 -2.85 5.77
C ALA A 28 2.78 -4.35 6.04
N ARG A 29 2.28 -4.69 7.22
CA ARG A 29 2.15 -6.09 7.62
C ARG A 29 1.07 -6.81 6.81
N ARG A 30 0.21 -6.03 6.15
CA ARG A 30 -0.83 -6.60 5.30
C ARG A 30 -0.21 -7.12 4.01
N THR A 31 -0.60 -8.31 3.61
CA THR A 31 -0.08 -8.89 2.39
C THR A 31 -1.09 -8.75 1.26
N SER A 32 -2.20 -8.10 1.56
CA SER A 32 -3.26 -7.91 0.58
C SER A 32 -3.76 -6.47 0.57
N CYS A 33 -4.22 -6.03 -0.58
CA CYS A 33 -4.83 -4.71 -0.75
C CYS A 33 -6.19 -4.65 -0.04
N ASP A 34 -6.50 -3.48 0.50
CA ASP A 34 -7.76 -3.26 1.20
C ASP A 34 -8.90 -2.92 0.23
N ARG A 35 -8.62 -2.02 -0.71
CA ARG A 35 -9.65 -1.52 -1.61
C ARG A 35 -9.71 -2.35 -2.89
N CYS A 36 -8.55 -2.57 -3.48
CA CYS A 36 -8.43 -3.22 -4.76
C CYS A 36 -8.59 -4.74 -4.65
N GLY A 37 -7.94 -5.34 -3.68
CA GLY A 37 -8.10 -6.77 -3.44
C GLY A 37 -6.99 -7.59 -4.07
N ARG A 38 -5.85 -6.96 -4.31
CA ARG A 38 -4.68 -7.67 -4.80
C ARG A 38 -3.77 -8.06 -3.64
N GLU A 39 -2.53 -8.41 -3.95
CA GLU A 39 -1.57 -8.80 -2.92
C GLU A 39 -0.31 -7.97 -3.03
N LYS A 40 0.45 -7.89 -1.94
CA LYS A 40 1.69 -7.12 -1.92
C LYS A 40 2.78 -7.82 -2.71
N THR A 41 2.68 -7.75 -4.03
CA THR A 41 3.65 -8.36 -4.91
C THR A 41 4.90 -7.49 -5.01
N THR A 42 4.71 -6.30 -5.55
CA THR A 42 5.80 -5.36 -5.73
C THR A 42 5.78 -4.28 -4.67
N GLY A 43 6.75 -4.31 -3.77
CA GLY A 43 6.85 -3.33 -2.72
C GLY A 43 8.28 -2.94 -2.43
N PRO A 44 8.62 -1.64 -2.55
CA PRO A 44 9.97 -1.14 -2.33
C PRO A 44 10.29 -1.00 -0.85
N ILE A 45 10.27 -2.12 -0.13
CA ILE A 45 10.58 -2.13 1.29
C ILE A 45 12.09 -2.10 1.49
ZN ZN B . -4.04 -2.06 -4.31
N GLY A 1 -21.24 7.99 9.25
CA GLY A 1 -19.84 7.50 9.27
C GLY A 1 -19.44 6.93 10.61
N SER A 2 -18.48 6.03 10.61
CA SER A 2 -17.97 5.46 11.84
C SER A 2 -16.64 6.10 12.21
N MET A 3 -15.94 6.64 11.22
CA MET A 3 -14.65 7.28 11.45
C MET A 3 -14.77 8.79 11.38
N SER A 4 -14.61 9.45 12.52
CA SER A 4 -14.57 10.89 12.57
C SER A 4 -13.12 11.36 12.57
N THR A 5 -12.74 12.11 11.54
CA THR A 5 -11.35 12.46 11.29
C THR A 5 -10.56 11.22 10.85
N LYS A 6 -9.88 11.32 9.72
CA LYS A 6 -9.12 10.20 9.17
C LYS A 6 -8.07 9.70 10.16
N ASN A 7 -8.31 8.54 10.73
CA ASN A 7 -7.39 7.96 11.69
C ASN A 7 -6.49 6.94 11.02
N PHE A 8 -6.41 7.02 9.70
CA PHE A 8 -5.56 6.13 8.92
C PHE A 8 -4.10 6.56 9.03
N ARG A 9 -3.53 6.32 10.20
CA ARG A 9 -2.13 6.65 10.44
C ARG A 9 -1.22 5.63 9.77
N VAL A 10 -1.06 5.77 8.46
CA VAL A 10 -0.17 4.89 7.70
C VAL A 10 1.26 5.04 8.21
N SER A 11 1.69 4.06 8.98
CA SER A 11 3.00 4.11 9.61
C SER A 11 4.08 3.63 8.65
N ASP A 12 5.33 3.93 8.97
CA ASP A 12 6.46 3.51 8.15
C ASP A 12 6.53 1.99 8.09
N GLY A 13 7.14 1.49 7.03
CA GLY A 13 7.07 0.08 6.72
C GLY A 13 5.85 -0.20 5.87
N ASP A 14 5.33 0.88 5.32
CA ASP A 14 4.11 0.87 4.53
C ASP A 14 4.38 0.49 3.09
N TRP A 15 3.31 0.35 2.32
CA TRP A 15 3.40 0.10 0.90
C TRP A 15 2.08 0.47 0.21
N ILE A 16 2.17 0.82 -1.06
CA ILE A 16 0.99 1.06 -1.86
C ILE A 16 0.81 -0.07 -2.83
N CYS A 17 -0.43 -0.28 -3.30
CA CYS A 17 -0.74 -1.35 -4.24
C CYS A 17 0.31 -1.43 -5.36
N PRO A 18 0.64 -2.65 -5.82
CA PRO A 18 1.72 -2.85 -6.79
C PRO A 18 1.41 -2.18 -8.14
N ASP A 19 0.13 -1.90 -8.37
CA ASP A 19 -0.30 -1.32 -9.63
C ASP A 19 -0.80 0.11 -9.40
N LYS A 20 -0.63 0.95 -10.42
CA LYS A 20 -0.95 2.37 -10.31
C LYS A 20 -2.44 2.63 -10.51
N LYS A 21 -3.19 1.57 -10.78
CA LYS A 21 -4.64 1.68 -10.90
C LYS A 21 -5.28 1.80 -9.51
N CYS A 22 -4.49 1.46 -8.50
CA CYS A 22 -4.92 1.54 -7.12
C CYS A 22 -4.18 2.67 -6.42
N GLY A 23 -2.97 2.37 -5.98
CA GLY A 23 -2.20 3.31 -5.21
C GLY A 23 -2.72 3.40 -3.79
N ASN A 24 -3.50 2.40 -3.40
CA ASN A 24 -4.08 2.33 -2.07
C ASN A 24 -3.00 2.25 -1.01
N VAL A 25 -3.16 3.03 0.04
CA VAL A 25 -2.20 3.02 1.13
C VAL A 25 -2.47 1.85 2.05
N ASN A 26 -1.83 0.74 1.76
CA ASN A 26 -1.99 -0.46 2.53
C ASN A 26 -1.16 -0.38 3.80
N PHE A 27 -1.86 -0.30 4.93
CA PHE A 27 -1.29 -0.12 6.27
C PHE A 27 0.20 -0.48 6.37
N ALA A 28 0.48 -1.78 6.47
CA ALA A 28 1.86 -2.26 6.61
C ALA A 28 1.86 -3.78 6.61
N ARG A 29 1.25 -4.36 7.64
CA ARG A 29 1.13 -5.80 7.77
C ARG A 29 -0.04 -6.32 6.92
N ARG A 30 -0.19 -5.77 5.73
CA ARG A 30 -1.25 -6.16 4.83
C ARG A 30 -0.67 -6.95 3.67
N THR A 31 -0.86 -8.26 3.69
CA THR A 31 -0.36 -9.12 2.63
C THR A 31 -1.22 -9.03 1.37
N SER A 32 -2.37 -8.39 1.52
CA SER A 32 -3.26 -8.17 0.39
C SER A 32 -3.89 -6.78 0.50
N CYS A 33 -4.12 -6.18 -0.65
CA CYS A 33 -4.70 -4.84 -0.74
C CYS A 33 -6.04 -4.73 -0.03
N ASP A 34 -6.28 -3.57 0.54
CA ASP A 34 -7.55 -3.27 1.21
C ASP A 34 -8.53 -2.68 0.21
N ARG A 35 -8.02 -2.25 -0.94
CA ARG A 35 -8.84 -1.58 -1.93
C ARG A 35 -9.31 -2.57 -2.99
N CYS A 36 -8.42 -3.43 -3.46
CA CYS A 36 -8.75 -4.33 -4.55
C CYS A 36 -8.46 -5.79 -4.21
N GLY A 37 -7.51 -6.02 -3.32
CA GLY A 37 -7.16 -7.38 -2.94
C GLY A 37 -5.91 -7.88 -3.64
N ARG A 38 -5.17 -6.96 -4.24
CA ARG A 38 -3.90 -7.28 -4.87
C ARG A 38 -2.92 -7.85 -3.86
N GLU A 39 -2.12 -8.82 -4.30
CA GLU A 39 -1.14 -9.46 -3.43
C GLU A 39 0.02 -8.52 -3.14
N LYS A 40 0.69 -8.77 -2.02
CA LYS A 40 1.88 -8.01 -1.63
C LYS A 40 3.08 -8.39 -2.51
N THR A 41 2.99 -8.04 -3.78
CA THR A 41 4.07 -8.31 -4.72
C THR A 41 4.96 -7.08 -4.84
N THR A 42 6.25 -7.29 -4.68
CA THR A 42 7.22 -6.22 -4.81
C THR A 42 8.25 -6.58 -5.89
N GLY A 43 8.39 -5.71 -6.87
CA GLY A 43 9.28 -5.97 -7.97
C GLY A 43 8.71 -5.55 -9.30
N PRO A 44 9.20 -6.14 -10.40
CA PRO A 44 8.77 -5.79 -11.75
C PRO A 44 7.29 -6.06 -12.00
N ILE A 45 6.51 -4.99 -12.08
CA ILE A 45 5.11 -5.09 -12.41
C ILE A 45 4.85 -4.47 -13.77
ZN ZN B . -5.14 -2.55 -4.83
N GLY A 1 -7.91 -3.22 20.15
CA GLY A 1 -7.76 -2.07 19.23
C GLY A 1 -8.33 -0.80 19.84
N SER A 2 -7.63 -0.24 20.81
CA SER A 2 -8.07 0.97 21.48
C SER A 2 -7.44 2.19 20.83
N MET A 3 -7.50 3.34 21.52
CA MET A 3 -6.88 4.55 21.03
C MET A 3 -5.37 4.40 20.99
N SER A 4 -4.83 4.19 19.79
CA SER A 4 -3.39 4.02 19.60
C SER A 4 -2.87 5.01 18.56
N THR A 5 -3.66 6.07 18.35
CA THR A 5 -3.33 7.08 17.36
C THR A 5 -3.26 6.47 15.96
N LYS A 6 -4.24 5.62 15.67
CA LYS A 6 -4.30 4.92 14.38
C LYS A 6 -5.15 5.71 13.39
N ASN A 7 -5.02 7.03 13.42
CA ASN A 7 -5.78 7.88 12.51
C ASN A 7 -5.06 8.05 11.19
N PHE A 8 -5.44 7.22 10.21
CA PHE A 8 -4.82 7.24 8.88
C PHE A 8 -3.30 7.17 9.00
N ARG A 9 -2.82 6.20 9.77
CA ARG A 9 -1.40 6.07 10.04
C ARG A 9 -0.67 5.38 8.89
N VAL A 10 -0.14 6.16 7.97
CA VAL A 10 0.73 5.64 6.93
C VAL A 10 2.17 5.69 7.43
N SER A 11 2.69 4.54 7.81
CA SER A 11 3.99 4.43 8.44
C SER A 11 5.13 4.45 7.42
N ASP A 12 6.33 4.10 7.89
CA ASP A 12 7.53 4.18 7.08
C ASP A 12 7.57 3.08 6.01
N GLY A 13 7.27 1.85 6.43
CA GLY A 13 7.37 0.72 5.52
C GLY A 13 6.05 0.38 4.86
N ASP A 14 5.10 1.29 4.98
CA ASP A 14 3.77 1.09 4.41
C ASP A 14 3.81 1.33 2.91
N TRP A 15 2.80 0.85 2.21
CA TRP A 15 2.82 0.82 0.75
C TRP A 15 1.52 1.36 0.17
N ILE A 16 1.32 1.14 -1.12
CA ILE A 16 0.13 1.64 -1.81
C ILE A 16 -0.68 0.51 -2.46
N CYS A 17 -0.05 -0.21 -3.38
CA CYS A 17 -0.67 -1.31 -4.11
C CYS A 17 0.38 -1.92 -5.03
N PRO A 18 0.24 -3.20 -5.42
CA PRO A 18 1.10 -3.81 -6.41
C PRO A 18 0.90 -3.17 -7.80
N ASP A 19 -0.17 -2.41 -7.95
CA ASP A 19 -0.47 -1.74 -9.20
C ASP A 19 -0.09 -0.27 -9.15
N LYS A 20 -0.44 0.48 -10.19
CA LYS A 20 -0.14 1.91 -10.24
C LYS A 20 -1.39 2.71 -10.58
N LYS A 21 -2.48 2.01 -10.92
CA LYS A 21 -3.75 2.66 -11.20
C LYS A 21 -4.59 2.72 -9.94
N CYS A 22 -4.02 2.25 -8.85
CA CYS A 22 -4.68 2.21 -7.56
C CYS A 22 -4.14 3.32 -6.66
N GLY A 23 -3.01 3.05 -6.03
CA GLY A 23 -2.46 4.00 -5.10
C GLY A 23 -3.27 4.04 -3.82
N ASN A 24 -3.50 2.86 -3.27
CA ASN A 24 -4.27 2.72 -2.04
C ASN A 24 -3.36 3.00 -0.83
N VAL A 25 -3.92 2.95 0.37
CA VAL A 25 -3.12 3.12 1.58
C VAL A 25 -3.23 1.87 2.46
N ASN A 26 -2.32 0.94 2.25
CA ASN A 26 -2.32 -0.31 3.01
C ASN A 26 -1.18 -0.32 4.00
N PHE A 27 -1.39 -1.05 5.08
CA PHE A 27 -0.41 -1.19 6.13
C PHE A 27 0.62 -2.24 5.75
N ALA A 28 1.83 -2.03 6.21
CA ALA A 28 2.93 -3.00 6.10
C ALA A 28 2.46 -4.41 6.41
N ARG A 29 1.66 -4.51 7.46
CA ARG A 29 1.17 -5.79 7.95
C ARG A 29 0.03 -6.34 7.10
N ARG A 30 -0.30 -5.62 6.03
CA ARG A 30 -1.30 -6.07 5.08
C ARG A 30 -0.62 -6.73 3.90
N THR A 31 -0.90 -8.01 3.68
CA THR A 31 -0.25 -8.75 2.62
C THR A 31 -0.94 -8.53 1.27
N SER A 32 -2.05 -7.81 1.30
CA SER A 32 -2.82 -7.56 0.09
C SER A 32 -3.35 -6.13 0.09
N CYS A 33 -3.71 -5.63 -1.10
CA CYS A 33 -4.32 -4.32 -1.20
C CYS A 33 -5.63 -4.29 -0.42
N ASP A 34 -5.92 -3.15 0.17
CA ASP A 34 -7.15 -2.98 0.92
C ASP A 34 -8.27 -2.60 -0.03
N ARG A 35 -7.89 -2.31 -1.27
CA ARG A 35 -8.85 -1.94 -2.30
C ARG A 35 -9.02 -3.10 -3.28
N CYS A 36 -7.91 -3.57 -3.81
CA CYS A 36 -7.93 -4.66 -4.78
C CYS A 36 -8.13 -6.01 -4.11
N GLY A 37 -7.49 -6.18 -2.97
CA GLY A 37 -7.53 -7.46 -2.29
C GLY A 37 -6.54 -8.44 -2.89
N ARG A 38 -5.68 -7.93 -3.77
CA ARG A 38 -4.64 -8.73 -4.41
C ARG A 38 -3.39 -8.72 -3.54
N GLU A 39 -2.71 -9.85 -3.49
CA GLU A 39 -1.54 -10.00 -2.65
C GLU A 39 -0.37 -9.18 -3.17
N LYS A 40 0.56 -8.85 -2.27
CA LYS A 40 1.80 -8.19 -2.65
C LYS A 40 2.59 -9.10 -3.58
N THR A 41 2.68 -8.71 -4.84
CA THR A 41 3.38 -9.50 -5.83
C THR A 41 4.88 -9.54 -5.56
N THR A 42 5.38 -8.50 -4.90
CA THR A 42 6.77 -8.44 -4.51
C THR A 42 6.89 -8.35 -2.99
N GLY A 43 6.97 -9.51 -2.34
CA GLY A 43 7.08 -9.54 -0.89
C GLY A 43 8.43 -10.08 -0.44
N PRO A 44 9.17 -9.30 0.36
CA PRO A 44 10.47 -9.70 0.89
C PRO A 44 10.31 -10.59 2.13
N ILE A 45 9.77 -11.78 1.94
CA ILE A 45 9.56 -12.71 3.04
C ILE A 45 10.51 -13.89 2.92
ZN ZN B . -5.02 -1.79 -5.18
N GLY A 1 -9.41 16.64 -3.85
CA GLY A 1 -7.95 16.79 -3.60
C GLY A 1 -7.16 15.60 -4.10
N SER A 2 -7.48 15.14 -5.31
CA SER A 2 -6.81 14.01 -5.96
C SER A 2 -6.69 12.80 -5.01
N MET A 3 -5.49 12.54 -4.52
CA MET A 3 -5.26 11.42 -3.64
C MET A 3 -4.65 11.89 -2.32
N SER A 4 -5.00 11.20 -1.24
CA SER A 4 -4.52 11.57 0.09
C SER A 4 -3.17 10.91 0.39
N THR A 5 -2.24 11.03 -0.55
CA THR A 5 -0.93 10.40 -0.42
C THR A 5 -0.12 11.02 0.71
N LYS A 6 0.09 12.33 0.64
CA LYS A 6 0.87 13.03 1.65
C LYS A 6 -0.03 13.56 2.76
N ASN A 7 -1.18 12.93 2.93
CA ASN A 7 -2.13 13.35 3.97
C ASN A 7 -1.67 12.85 5.32
N PHE A 8 -0.87 11.81 5.30
CA PHE A 8 -0.29 11.23 6.50
C PHE A 8 1.18 10.94 6.24
N ARG A 9 1.74 10.07 7.05
CA ARG A 9 3.14 9.69 6.90
C ARG A 9 3.27 8.33 6.22
N VAL A 10 3.98 8.30 5.10
CA VAL A 10 4.31 7.05 4.45
C VAL A 10 5.61 6.51 5.06
N SER A 11 5.48 5.88 6.20
CA SER A 11 6.63 5.48 7.00
C SER A 11 7.24 4.16 6.51
N ASP A 12 7.58 3.29 7.45
CA ASP A 12 8.33 2.08 7.17
C ASP A 12 7.48 1.03 6.48
N GLY A 13 6.52 0.48 7.21
CA GLY A 13 5.73 -0.62 6.72
C GLY A 13 4.59 -0.17 5.83
N ASP A 14 4.32 1.13 5.84
CA ASP A 14 3.25 1.69 5.03
C ASP A 14 3.62 1.62 3.55
N TRP A 15 3.06 0.64 2.86
CA TRP A 15 3.31 0.49 1.44
C TRP A 15 2.09 0.88 0.64
N ILE A 16 2.28 1.07 -0.65
CA ILE A 16 1.19 1.36 -1.54
C ILE A 16 0.87 0.14 -2.39
N CYS A 17 -0.39 0.02 -2.78
CA CYS A 17 -0.90 -1.10 -3.55
C CYS A 17 0.05 -1.55 -4.67
N PRO A 18 0.00 -2.86 -5.01
CA PRO A 18 0.92 -3.48 -5.97
C PRO A 18 0.88 -2.85 -7.37
N ASP A 19 -0.28 -2.34 -7.76
CA ASP A 19 -0.46 -1.85 -9.10
C ASP A 19 -0.72 -0.35 -9.12
N LYS A 20 -0.64 0.25 -10.31
CA LYS A 20 -0.88 1.67 -10.49
C LYS A 20 -2.37 1.95 -10.46
N LYS A 21 -3.14 1.01 -11.01
CA LYS A 21 -4.61 1.11 -10.98
C LYS A 21 -5.09 1.04 -9.54
N CYS A 22 -4.32 0.32 -8.72
CA CYS A 22 -4.59 0.19 -7.31
C CYS A 22 -4.17 1.48 -6.60
N GLY A 23 -2.88 1.55 -6.28
CA GLY A 23 -2.29 2.74 -5.67
C GLY A 23 -3.02 3.24 -4.43
N ASN A 24 -3.46 2.33 -3.58
CA ASN A 24 -4.10 2.68 -2.33
C ASN A 24 -3.11 2.55 -1.18
N VAL A 25 -3.37 3.24 -0.08
CA VAL A 25 -2.53 3.15 1.10
C VAL A 25 -2.97 1.99 1.99
N ASN A 26 -2.07 1.05 2.21
CA ASN A 26 -2.38 -0.14 3.00
C ASN A 26 -1.80 -0.03 4.39
N PHE A 27 -2.06 -1.03 5.22
CA PHE A 27 -1.64 -1.04 6.62
C PHE A 27 -0.11 -1.01 6.74
N ALA A 28 0.50 -2.18 6.85
CA ALA A 28 1.95 -2.29 6.98
C ALA A 28 2.39 -3.71 6.68
N ARG A 29 2.24 -4.59 7.66
CA ARG A 29 2.56 -6.00 7.46
C ARG A 29 1.38 -6.73 6.83
N ARG A 30 0.77 -6.09 5.85
CA ARG A 30 -0.32 -6.65 5.08
C ARG A 30 0.22 -7.35 3.85
N THR A 31 -0.33 -8.50 3.54
CA THR A 31 0.08 -9.23 2.35
C THR A 31 -0.73 -8.78 1.14
N SER A 32 -1.99 -8.41 1.38
CA SER A 32 -2.88 -8.07 0.29
C SER A 32 -3.29 -6.60 0.32
N CYS A 33 -3.73 -6.11 -0.84
CA CYS A 33 -4.23 -4.77 -0.98
C CYS A 33 -5.42 -4.55 -0.06
N ASP A 34 -5.71 -3.30 0.24
CA ASP A 34 -6.70 -2.97 1.25
C ASP A 34 -8.06 -2.67 0.64
N ARG A 35 -8.11 -2.30 -0.63
CA ARG A 35 -9.34 -1.76 -1.20
C ARG A 35 -9.63 -2.20 -2.65
N CYS A 36 -8.61 -2.43 -3.45
CA CYS A 36 -8.80 -2.39 -4.90
C CYS A 36 -8.22 -3.57 -5.68
N GLY A 37 -7.34 -4.35 -5.07
CA GLY A 37 -6.67 -5.37 -5.82
C GLY A 37 -6.48 -6.68 -5.08
N ARG A 38 -5.23 -7.01 -4.79
CA ARG A 38 -4.86 -8.33 -4.31
C ARG A 38 -3.51 -8.29 -3.60
N GLU A 39 -2.85 -9.44 -3.47
CA GLU A 39 -1.57 -9.53 -2.76
C GLU A 39 -0.48 -8.72 -3.46
N LYS A 40 0.45 -8.21 -2.67
CA LYS A 40 1.53 -7.38 -3.19
C LYS A 40 2.43 -8.18 -4.11
N THR A 41 2.31 -7.90 -5.40
CA THR A 41 3.08 -8.60 -6.41
C THR A 41 4.49 -8.04 -6.52
N THR A 42 5.37 -8.81 -7.13
CA THR A 42 6.72 -8.36 -7.42
C THR A 42 6.79 -7.80 -8.84
N GLY A 43 6.88 -6.49 -8.96
CA GLY A 43 6.87 -5.86 -10.25
C GLY A 43 8.27 -5.75 -10.85
N PRO A 44 8.55 -4.65 -11.56
CA PRO A 44 9.86 -4.43 -12.19
C PRO A 44 10.91 -3.96 -11.19
N ILE A 45 10.47 -3.71 -9.96
CA ILE A 45 11.36 -3.25 -8.91
C ILE A 45 11.08 -4.01 -7.62
ZN ZN B . -5.36 -1.68 -3.98
N GLY A 1 -4.40 -6.60 15.98
CA GLY A 1 -4.75 -5.20 15.64
C GLY A 1 -6.24 -4.97 15.65
N SER A 2 -6.89 -5.40 16.72
CA SER A 2 -8.34 -5.32 16.83
C SER A 2 -8.78 -3.95 17.36
N MET A 3 -9.01 -3.03 16.43
CA MET A 3 -9.54 -1.70 16.74
C MET A 3 -8.56 -0.88 17.59
N SER A 4 -7.30 -1.26 17.57
CA SER A 4 -6.27 -0.55 18.32
C SER A 4 -5.67 0.57 17.47
N THR A 5 -5.22 0.20 16.28
CA THR A 5 -4.65 1.18 15.35
C THR A 5 -5.64 1.51 14.25
N LYS A 6 -5.67 2.77 13.85
CA LYS A 6 -6.56 3.22 12.80
C LYS A 6 -5.81 3.35 11.48
N ASN A 7 -6.53 3.24 10.38
CA ASN A 7 -5.93 3.35 9.06
C ASN A 7 -6.19 4.73 8.46
N PHE A 8 -5.14 5.35 7.95
CA PHE A 8 -5.25 6.63 7.29
C PHE A 8 -4.18 6.72 6.19
N ARG A 9 -3.85 7.94 5.80
CA ARG A 9 -2.86 8.15 4.76
C ARG A 9 -1.51 8.52 5.39
N VAL A 10 -0.75 7.52 5.75
CA VAL A 10 0.55 7.72 6.39
C VAL A 10 1.65 7.10 5.55
N SER A 11 2.74 7.83 5.38
CA SER A 11 3.90 7.30 4.68
C SER A 11 4.93 6.81 5.70
N ASP A 12 4.63 5.68 6.27
CA ASP A 12 5.47 5.08 7.31
C ASP A 12 6.29 3.94 6.73
N GLY A 13 6.12 2.74 7.26
CA GLY A 13 6.76 1.57 6.69
C GLY A 13 5.79 0.78 5.85
N ASP A 14 4.85 1.51 5.27
CA ASP A 14 3.78 0.95 4.49
C ASP A 14 4.23 0.62 3.07
N TRP A 15 3.26 0.33 2.21
CA TRP A 15 3.51 0.05 0.82
C TRP A 15 2.28 0.45 0.02
N ILE A 16 2.40 0.52 -1.29
CA ILE A 16 1.26 0.79 -2.14
C ILE A 16 1.08 -0.34 -3.14
N CYS A 17 -0.17 -0.58 -3.50
CA CYS A 17 -0.55 -1.62 -4.44
C CYS A 17 0.41 -1.75 -5.62
N PRO A 18 0.67 -2.99 -6.06
CA PRO A 18 1.64 -3.26 -7.11
C PRO A 18 1.24 -2.60 -8.42
N ASP A 19 -0.05 -2.35 -8.57
CA ASP A 19 -0.59 -1.68 -9.75
C ASP A 19 -1.13 -0.31 -9.36
N LYS A 20 -0.63 0.73 -10.02
CA LYS A 20 -0.89 2.10 -9.61
C LYS A 20 -2.27 2.62 -10.05
N LYS A 21 -3.15 1.73 -10.53
CA LYS A 21 -4.50 2.14 -10.85
C LYS A 21 -5.29 2.29 -9.55
N CYS A 22 -4.90 1.48 -8.57
CA CYS A 22 -5.43 1.59 -7.21
C CYS A 22 -4.46 2.43 -6.40
N GLY A 23 -3.29 1.85 -6.12
CA GLY A 23 -2.27 2.55 -5.35
C GLY A 23 -2.79 2.98 -4.00
N ASN A 24 -3.36 2.04 -3.29
CA ASN A 24 -3.95 2.31 -2.00
C ASN A 24 -2.90 2.20 -0.91
N VAL A 25 -3.09 2.94 0.17
CA VAL A 25 -2.18 2.87 1.31
C VAL A 25 -2.53 1.66 2.16
N ASN A 26 -1.93 0.53 1.83
CA ASN A 26 -2.19 -0.72 2.54
C ASN A 26 -1.39 -0.73 3.85
N PHE A 27 -2.15 -0.79 4.95
CA PHE A 27 -1.64 -0.62 6.34
C PHE A 27 -0.13 -0.81 6.46
N ALA A 28 0.31 -2.05 6.56
CA ALA A 28 1.73 -2.38 6.70
C ALA A 28 1.88 -3.88 6.80
N ARG A 29 1.10 -4.46 7.70
CA ARG A 29 1.06 -5.90 7.88
C ARG A 29 0.01 -6.50 6.96
N ARG A 30 -0.27 -5.78 5.90
CA ARG A 30 -1.23 -6.21 4.90
C ARG A 30 -0.50 -6.88 3.74
N THR A 31 -0.73 -8.16 3.55
CA THR A 31 -0.15 -8.87 2.42
C THR A 31 -1.01 -8.65 1.18
N SER A 32 -2.09 -7.91 1.35
CA SER A 32 -2.99 -7.58 0.27
C SER A 32 -3.55 -6.17 0.49
N CYS A 33 -4.12 -5.60 -0.56
CA CYS A 33 -4.77 -4.30 -0.45
C CYS A 33 -5.98 -4.34 0.45
N ASP A 34 -6.47 -3.15 0.79
CA ASP A 34 -7.73 -2.99 1.49
C ASP A 34 -8.80 -2.59 0.47
N ARG A 35 -8.35 -2.39 -0.77
CA ARG A 35 -9.23 -1.95 -1.84
C ARG A 35 -9.18 -2.91 -3.04
N CYS A 36 -8.04 -2.99 -3.73
CA CYS A 36 -7.95 -3.80 -4.94
C CYS A 36 -7.77 -5.28 -4.58
N GLY A 37 -7.25 -5.52 -3.39
CA GLY A 37 -7.06 -6.88 -2.93
C GLY A 37 -5.84 -7.53 -3.54
N ARG A 38 -5.05 -6.74 -4.25
CA ARG A 38 -3.84 -7.25 -4.89
C ARG A 38 -2.83 -7.65 -3.81
N GLU A 39 -2.15 -8.75 -4.04
CA GLU A 39 -1.19 -9.26 -3.06
C GLU A 39 0.13 -8.51 -3.19
N LYS A 40 0.77 -8.27 -2.06
CA LYS A 40 2.02 -7.54 -2.02
C LYS A 40 3.11 -8.30 -2.77
N THR A 41 3.31 -7.93 -4.02
CA THR A 41 4.31 -8.57 -4.85
C THR A 41 5.64 -7.83 -4.71
N THR A 42 6.64 -8.50 -4.16
CA THR A 42 7.91 -7.87 -3.85
C THR A 42 8.99 -8.34 -4.81
N GLY A 43 9.51 -7.41 -5.60
CA GLY A 43 10.56 -7.71 -6.53
C GLY A 43 11.09 -6.46 -7.21
N PRO A 44 10.56 -6.13 -8.41
CA PRO A 44 10.86 -4.87 -9.08
C PRO A 44 10.19 -3.69 -8.36
N ILE A 45 9.17 -4.02 -7.60
CA ILE A 45 8.45 -3.04 -6.80
C ILE A 45 8.03 -3.70 -5.50
ZN ZN B . -5.03 -1.46 -3.91
N GLY A 1 -3.73 21.47 11.57
CA GLY A 1 -4.51 22.74 11.61
C GLY A 1 -3.81 23.86 10.88
N SER A 2 -2.70 24.32 11.42
CA SER A 2 -1.95 25.40 10.81
C SER A 2 -0.69 24.85 10.15
N MET A 3 -0.48 25.22 8.89
CA MET A 3 0.68 24.77 8.12
C MET A 3 0.77 23.24 8.12
N SER A 4 -0.34 22.59 7.85
CA SER A 4 -0.39 21.13 7.86
C SER A 4 -1.32 20.62 6.75
N THR A 5 -0.72 20.15 5.66
CA THR A 5 -1.51 19.62 4.56
C THR A 5 -1.93 18.17 4.83
N LYS A 6 -1.29 17.23 4.16
CA LYS A 6 -1.61 15.81 4.36
C LYS A 6 -0.57 15.16 5.27
N ASN A 7 -0.87 13.96 5.76
CA ASN A 7 0.07 13.22 6.56
C ASN A 7 0.92 12.32 5.68
N PHE A 8 1.97 12.90 5.11
CA PHE A 8 2.84 12.17 4.20
C PHE A 8 3.97 11.47 4.94
N ARG A 9 3.65 10.92 6.09
CA ARG A 9 4.65 10.21 6.89
C ARG A 9 4.76 8.76 6.43
N VAL A 10 5.38 8.58 5.27
CA VAL A 10 5.58 7.25 4.72
C VAL A 10 6.75 6.55 5.41
N SER A 11 6.43 5.60 6.26
CA SER A 11 7.44 4.85 6.99
C SER A 11 7.95 3.68 6.17
N ASP A 12 9.00 3.02 6.63
CA ASP A 12 9.50 1.83 5.99
C ASP A 12 8.66 0.65 6.42
N GLY A 13 8.44 -0.27 5.51
CA GLY A 13 7.52 -1.35 5.75
C GLY A 13 6.15 -1.04 5.19
N ASP A 14 5.80 0.24 5.24
CA ASP A 14 4.58 0.74 4.66
C ASP A 14 4.65 0.55 3.15
N TRP A 15 3.51 0.28 2.51
CA TRP A 15 3.51 0.05 1.08
C TRP A 15 2.17 0.42 0.48
N ILE A 16 2.19 0.76 -0.81
CA ILE A 16 0.98 1.02 -1.55
C ILE A 16 0.79 -0.11 -2.56
N CYS A 17 -0.43 -0.27 -3.05
CA CYS A 17 -0.75 -1.33 -4.01
C CYS A 17 0.30 -1.42 -5.11
N PRO A 18 0.61 -2.63 -5.58
CA PRO A 18 1.64 -2.84 -6.59
C PRO A 18 1.26 -2.24 -7.95
N ASP A 19 0.06 -1.67 -8.02
CA ASP A 19 -0.46 -1.09 -9.26
C ASP A 19 -0.58 0.41 -9.13
N LYS A 20 -0.73 1.08 -10.27
CA LYS A 20 -0.88 2.53 -10.31
C LYS A 20 -2.34 2.90 -10.42
N LYS A 21 -3.15 1.95 -10.90
CA LYS A 21 -4.59 2.16 -11.02
C LYS A 21 -5.22 2.22 -9.64
N CYS A 22 -4.59 1.52 -8.70
CA CYS A 22 -5.05 1.48 -7.33
C CYS A 22 -4.39 2.59 -6.53
N GLY A 23 -3.18 2.32 -6.07
CA GLY A 23 -2.48 3.26 -5.21
C GLY A 23 -3.11 3.30 -3.84
N ASN A 24 -3.58 2.15 -3.39
CA ASN A 24 -4.19 2.01 -2.08
C ASN A 24 -3.15 2.21 -0.99
N VAL A 25 -3.53 2.82 0.11
CA VAL A 25 -2.62 3.04 1.21
C VAL A 25 -2.68 1.90 2.21
N ASN A 26 -1.88 0.88 1.96
CA ASN A 26 -1.81 -0.27 2.84
C ASN A 26 -0.91 0.06 4.03
N PHE A 27 -1.50 0.01 5.22
CA PHE A 27 -0.83 0.35 6.48
C PHE A 27 0.65 -0.06 6.48
N ALA A 28 0.87 -1.36 6.63
CA ALA A 28 2.19 -1.94 6.77
C ALA A 28 2.01 -3.42 6.99
N ARG A 29 1.10 -3.73 7.90
CA ARG A 29 0.72 -5.08 8.20
C ARG A 29 -0.43 -5.44 7.24
N ARG A 30 -0.05 -5.71 6.00
CA ARG A 30 -0.98 -5.99 4.93
C ARG A 30 -0.29 -6.88 3.91
N THR A 31 -0.82 -8.08 3.73
CA THR A 31 -0.24 -9.02 2.80
C THR A 31 -0.95 -8.96 1.46
N SER A 32 -2.03 -8.20 1.41
CA SER A 32 -2.75 -7.96 0.18
C SER A 32 -3.35 -6.56 0.22
N CYS A 33 -3.92 -6.13 -0.89
CA CYS A 33 -4.59 -4.86 -0.97
C CYS A 33 -5.84 -4.82 -0.09
N ASP A 34 -6.21 -3.62 0.32
CA ASP A 34 -7.44 -3.39 1.04
C ASP A 34 -8.49 -2.84 0.08
N ARG A 35 -8.04 -2.50 -1.12
CA ARG A 35 -8.90 -1.92 -2.14
C ARG A 35 -9.32 -2.97 -3.16
N CYS A 36 -8.37 -3.42 -3.97
CA CYS A 36 -8.68 -4.31 -5.07
C CYS A 36 -8.57 -5.77 -4.64
N GLY A 37 -7.61 -6.04 -3.75
CA GLY A 37 -7.43 -7.39 -3.25
C GLY A 37 -6.21 -8.06 -3.85
N ARG A 38 -5.43 -7.29 -4.60
CA ARG A 38 -4.19 -7.79 -5.18
C ARG A 38 -3.25 -8.30 -4.09
N GLU A 39 -2.57 -9.39 -4.38
CA GLU A 39 -1.65 -10.00 -3.45
C GLU A 39 -0.38 -9.17 -3.32
N LYS A 40 0.47 -9.53 -2.37
CA LYS A 40 1.76 -8.86 -2.19
C LYS A 40 2.74 -9.34 -3.25
N THR A 41 2.37 -9.14 -4.49
CA THR A 41 3.17 -9.58 -5.62
C THR A 41 4.35 -8.63 -5.85
N THR A 42 5.51 -9.19 -6.08
CA THR A 42 6.70 -8.40 -6.29
C THR A 42 6.76 -7.89 -7.72
N GLY A 43 6.43 -8.75 -8.67
CA GLY A 43 6.41 -8.37 -10.06
C GLY A 43 5.05 -8.55 -10.67
N PRO A 44 4.48 -7.49 -11.25
CA PRO A 44 3.13 -7.53 -11.86
C PRO A 44 2.96 -8.66 -12.86
N ILE A 45 1.92 -9.46 -12.67
CA ILE A 45 1.64 -10.57 -13.56
C ILE A 45 0.90 -10.07 -14.79
ZN ZN B . -5.06 -2.58 -4.99
N GLY A 1 -11.29 0.50 6.71
CA GLY A 1 -10.74 1.80 6.29
C GLY A 1 -10.92 2.87 7.34
N SER A 2 -10.58 2.55 8.58
CA SER A 2 -10.69 3.49 9.67
C SER A 2 -9.37 4.21 9.91
N MET A 3 -9.31 5.46 9.51
CA MET A 3 -8.10 6.26 9.67
C MET A 3 -8.45 7.72 9.88
N SER A 4 -7.73 8.37 10.79
CA SER A 4 -7.95 9.78 11.07
C SER A 4 -7.44 10.63 9.92
N THR A 5 -8.31 11.47 9.39
CA THR A 5 -7.97 12.33 8.25
C THR A 5 -6.87 13.32 8.60
N LYS A 6 -6.78 13.68 9.87
CA LYS A 6 -5.75 14.60 10.34
C LYS A 6 -4.39 13.92 10.36
N ASN A 7 -4.31 12.79 11.04
CA ASN A 7 -3.06 12.07 11.21
C ASN A 7 -2.87 11.04 10.10
N PHE A 8 -2.71 11.52 8.88
CA PHE A 8 -2.45 10.64 7.74
C PHE A 8 -0.96 10.38 7.62
N ARG A 9 -0.36 9.96 8.73
CA ARG A 9 1.08 9.79 8.82
C ARG A 9 1.51 8.42 8.29
N VAL A 10 1.37 8.22 6.99
CA VAL A 10 1.88 7.02 6.35
C VAL A 10 3.41 7.06 6.39
N SER A 11 4.01 6.05 6.99
CA SER A 11 5.42 6.07 7.29
C SER A 11 6.24 5.25 6.29
N ASP A 12 7.19 4.48 6.81
CA ASP A 12 8.07 3.68 5.98
C ASP A 12 7.64 2.23 5.96
N GLY A 13 7.16 1.77 7.11
CA GLY A 13 6.76 0.38 7.28
C GLY A 13 5.51 0.00 6.50
N ASP A 14 4.87 0.98 5.89
CA ASP A 14 3.68 0.72 5.08
C ASP A 14 4.04 0.66 3.61
N TRP A 15 3.03 0.52 2.75
CA TRP A 15 3.26 0.39 1.33
C TRP A 15 2.01 0.72 0.55
N ILE A 16 2.17 1.09 -0.72
CA ILE A 16 1.05 1.35 -1.60
C ILE A 16 0.86 0.15 -2.52
N CYS A 17 -0.35 0.01 -3.07
CA CYS A 17 -0.67 -1.13 -3.94
C CYS A 17 0.42 -1.40 -4.97
N PRO A 18 0.67 -2.68 -5.29
CA PRO A 18 1.72 -3.07 -6.23
C PRO A 18 1.36 -2.74 -7.67
N ASP A 19 0.19 -2.12 -7.86
CA ASP A 19 -0.29 -1.77 -9.19
C ASP A 19 -0.71 -0.29 -9.22
N LYS A 20 -0.77 0.28 -10.42
CA LYS A 20 -1.03 1.70 -10.59
C LYS A 20 -2.53 2.00 -10.67
N LYS A 21 -3.31 0.97 -11.01
CA LYS A 21 -4.77 1.11 -11.08
C LYS A 21 -5.34 1.47 -9.72
N CYS A 22 -4.59 1.14 -8.67
CA CYS A 22 -4.99 1.40 -7.30
C CYS A 22 -4.27 2.62 -6.75
N GLY A 23 -3.07 2.38 -6.23
CA GLY A 23 -2.31 3.43 -5.58
C GLY A 23 -2.80 3.66 -4.17
N ASN A 24 -3.39 2.62 -3.59
CA ASN A 24 -3.92 2.68 -2.23
C ASN A 24 -2.81 2.53 -1.20
N VAL A 25 -2.83 3.38 -0.18
CA VAL A 25 -1.91 3.24 0.94
C VAL A 25 -2.40 2.15 1.89
N ASN A 26 -1.64 1.08 1.98
CA ASN A 26 -2.02 -0.05 2.80
C ASN A 26 -1.47 0.11 4.22
N PHE A 27 -2.09 -0.58 5.18
CA PHE A 27 -1.74 -0.45 6.60
C PHE A 27 -0.24 -0.67 6.84
N ALA A 28 0.18 -1.93 6.85
CA ALA A 28 1.59 -2.28 7.03
C ALA A 28 1.77 -3.79 6.94
N ARG A 29 1.18 -4.50 7.90
CA ARG A 29 1.22 -5.97 7.92
C ARG A 29 0.33 -6.57 6.82
N ARG A 30 0.10 -5.81 5.77
CA ARG A 30 -0.77 -6.24 4.69
C ARG A 30 0.03 -6.96 3.63
N THR A 31 -0.34 -8.19 3.35
CA THR A 31 0.28 -8.96 2.28
C THR A 31 -0.51 -8.76 0.99
N SER A 32 -1.74 -8.29 1.15
CA SER A 32 -2.59 -7.94 0.02
C SER A 32 -3.21 -6.56 0.28
N CYS A 33 -3.82 -6.00 -0.75
CA CYS A 33 -4.45 -4.69 -0.67
C CYS A 33 -5.64 -4.65 0.28
N ASP A 34 -6.02 -3.43 0.62
CA ASP A 34 -7.24 -3.17 1.37
C ASP A 34 -8.33 -2.70 0.41
N ARG A 35 -7.90 -2.15 -0.72
CA ARG A 35 -8.81 -1.49 -1.64
C ARG A 35 -9.30 -2.45 -2.71
N CYS A 36 -8.38 -3.02 -3.47
CA CYS A 36 -8.76 -3.88 -4.58
C CYS A 36 -8.82 -5.34 -4.15
N GLY A 37 -7.70 -5.83 -3.64
CA GLY A 37 -7.62 -7.21 -3.22
C GLY A 37 -6.42 -7.90 -3.83
N ARG A 38 -5.65 -7.16 -4.62
CA ARG A 38 -4.44 -7.70 -5.22
C ARG A 38 -3.39 -7.94 -4.14
N GLU A 39 -2.64 -9.03 -4.29
CA GLU A 39 -1.58 -9.35 -3.35
C GLU A 39 -0.27 -8.65 -3.74
N LYS A 40 0.72 -8.75 -2.87
CA LYS A 40 2.03 -8.16 -3.12
C LYS A 40 2.78 -8.96 -4.19
N THR A 41 2.30 -8.90 -5.41
CA THR A 41 2.84 -9.68 -6.51
C THR A 41 4.10 -9.02 -7.09
N THR A 42 4.13 -7.69 -7.11
CA THR A 42 5.28 -6.97 -7.64
C THR A 42 6.35 -6.83 -6.57
N GLY A 43 6.01 -6.15 -5.47
CA GLY A 43 6.94 -5.98 -4.38
C GLY A 43 6.66 -4.71 -3.61
N PRO A 44 7.70 -3.94 -3.26
CA PRO A 44 7.55 -2.68 -2.53
C PRO A 44 7.26 -1.51 -3.47
N ILE A 45 7.18 -1.81 -4.76
CA ILE A 45 6.91 -0.79 -5.78
C ILE A 45 5.88 -1.32 -6.75
ZN ZN B . -4.97 -2.37 -4.59
N GLY A 1 -20.51 17.69 4.96
CA GLY A 1 -19.33 17.38 5.80
C GLY A 1 -18.05 17.29 4.99
N SER A 2 -17.65 18.43 4.43
CA SER A 2 -16.43 18.51 3.65
C SER A 2 -15.22 18.70 4.56
N MET A 3 -14.03 18.43 4.01
CA MET A 3 -12.74 18.62 4.70
C MET A 3 -12.44 17.47 5.66
N SER A 4 -13.47 16.86 6.21
CA SER A 4 -13.30 15.75 7.13
C SER A 4 -12.81 14.50 6.39
N THR A 5 -11.54 14.17 6.58
CA THR A 5 -10.96 12.99 5.98
C THR A 5 -11.16 11.76 6.87
N LYS A 6 -12.05 10.87 6.43
CA LYS A 6 -12.32 9.64 7.17
C LYS A 6 -11.39 8.53 6.73
N ASN A 7 -10.84 8.67 5.54
CA ASN A 7 -9.91 7.68 5.00
C ASN A 7 -8.54 7.84 5.63
N PHE A 8 -7.97 6.75 6.10
CA PHE A 8 -6.65 6.77 6.70
C PHE A 8 -5.59 7.01 5.64
N ARG A 9 -5.13 8.25 5.59
CA ARG A 9 -4.13 8.66 4.61
C ARG A 9 -2.75 8.12 4.95
N VAL A 10 -2.52 6.86 4.63
CA VAL A 10 -1.20 6.26 4.80
C VAL A 10 -0.28 6.70 3.68
N SER A 11 0.60 7.65 3.99
CA SER A 11 1.54 8.16 3.01
C SER A 11 2.56 7.09 2.64
N ASP A 12 3.54 6.95 3.49
CA ASP A 12 4.53 5.89 3.35
C ASP A 12 4.23 4.75 4.32
N GLY A 13 5.28 4.07 4.76
CA GLY A 13 5.10 2.95 5.66
C GLY A 13 5.76 1.70 5.12
N ASP A 14 5.00 0.65 4.97
CA ASP A 14 5.51 -0.60 4.43
C ASP A 14 5.47 -0.56 2.91
N TRP A 15 4.25 -0.45 2.41
CA TRP A 15 3.98 -0.43 0.98
C TRP A 15 2.61 0.18 0.79
N ILE A 16 2.32 0.64 -0.41
CA ILE A 16 1.01 1.20 -0.67
C ILE A 16 0.19 0.27 -1.56
N CYS A 17 0.51 0.22 -2.84
CA CYS A 17 -0.15 -0.68 -3.76
C CYS A 17 0.83 -1.12 -4.84
N PRO A 18 0.62 -2.33 -5.42
CA PRO A 18 1.53 -2.90 -6.41
C PRO A 18 1.54 -2.16 -7.74
N ASP A 19 0.41 -1.56 -8.09
CA ASP A 19 0.29 -0.94 -9.40
C ASP A 19 -0.19 0.51 -9.30
N LYS A 20 -0.44 1.12 -10.46
CA LYS A 20 -0.93 2.49 -10.53
C LYS A 20 -2.46 2.49 -10.59
N LYS A 21 -3.01 1.43 -11.19
CA LYS A 21 -4.45 1.24 -11.22
C LYS A 21 -4.96 0.80 -9.84
N CYS A 22 -4.00 0.62 -8.95
CA CYS A 22 -4.27 0.29 -7.57
C CYS A 22 -4.43 1.59 -6.78
N GLY A 23 -3.29 2.11 -6.34
CA GLY A 23 -3.23 3.43 -5.72
C GLY A 23 -4.00 3.54 -4.42
N ASN A 24 -4.10 2.43 -3.69
CA ASN A 24 -4.81 2.43 -2.42
C ASN A 24 -3.85 2.70 -1.27
N VAL A 25 -4.39 3.16 -0.16
CA VAL A 25 -3.60 3.41 1.03
C VAL A 25 -3.58 2.18 1.93
N ASN A 26 -2.56 1.35 1.77
CA ASN A 26 -2.44 0.16 2.59
C ASN A 26 -1.58 0.42 3.83
N PHE A 27 -1.66 -0.48 4.80
CA PHE A 27 -1.02 -0.28 6.08
C PHE A 27 0.45 -0.70 6.05
N ALA A 28 0.73 -1.95 6.40
CA ALA A 28 2.08 -2.43 6.56
C ALA A 28 2.10 -3.94 6.63
N ARG A 29 1.46 -4.49 7.66
CA ARG A 29 1.35 -5.94 7.80
C ARG A 29 0.22 -6.48 6.92
N ARG A 30 -0.12 -5.72 5.89
CA ARG A 30 -1.12 -6.15 4.93
C ARG A 30 -0.42 -6.87 3.78
N THR A 31 -0.68 -8.15 3.64
CA THR A 31 -0.11 -8.92 2.55
C THR A 31 -0.98 -8.84 1.30
N SER A 32 -2.08 -8.11 1.43
CA SER A 32 -2.98 -7.89 0.32
C SER A 32 -3.60 -6.51 0.42
N CYS A 33 -4.01 -5.96 -0.73
CA CYS A 33 -4.64 -4.66 -0.78
C CYS A 33 -5.92 -4.63 0.05
N ASP A 34 -6.17 -3.48 0.68
CA ASP A 34 -7.39 -3.28 1.45
C ASP A 34 -8.58 -3.03 0.52
N ARG A 35 -8.35 -2.32 -0.57
CA ARG A 35 -9.42 -1.94 -1.48
C ARG A 35 -9.45 -2.84 -2.71
N CYS A 36 -8.32 -2.90 -3.41
CA CYS A 36 -8.23 -3.60 -4.68
C CYS A 36 -8.11 -5.11 -4.50
N GLY A 37 -7.68 -5.54 -3.32
CA GLY A 37 -7.62 -6.96 -2.99
C GLY A 37 -6.51 -7.69 -3.73
N ARG A 38 -5.52 -6.94 -4.21
CA ARG A 38 -4.38 -7.54 -4.89
C ARG A 38 -3.40 -8.15 -3.90
N GLU A 39 -2.34 -8.73 -4.39
CA GLU A 39 -1.34 -9.38 -3.54
C GLU A 39 -0.10 -8.51 -3.40
N LYS A 40 0.59 -8.64 -2.27
CA LYS A 40 1.83 -7.91 -2.05
C LYS A 40 2.93 -8.44 -2.95
N THR A 41 3.03 -7.86 -4.14
CA THR A 41 4.06 -8.23 -5.09
C THR A 41 5.21 -7.22 -5.06
N THR A 42 6.23 -7.45 -5.89
CA THR A 42 7.42 -6.60 -5.96
C THR A 42 8.34 -6.86 -4.75
N GLY A 43 7.75 -6.86 -3.56
CA GLY A 43 8.51 -7.16 -2.37
C GLY A 43 7.78 -8.15 -1.46
N PRO A 44 7.75 -9.43 -1.82
CA PRO A 44 7.03 -10.47 -1.07
C PRO A 44 7.83 -10.97 0.13
N ILE A 45 7.57 -10.39 1.29
CA ILE A 45 8.21 -10.81 2.53
C ILE A 45 7.19 -10.80 3.66
ZN ZN B . -4.01 -2.11 -4.43
N GLY A 1 10.63 18.79 -12.55
CA GLY A 1 10.19 17.48 -13.07
C GLY A 1 8.75 17.18 -12.69
N SER A 2 8.24 16.05 -13.17
CA SER A 2 6.88 15.63 -12.87
C SER A 2 6.81 14.97 -11.49
N MET A 3 7.37 15.64 -10.50
CA MET A 3 7.43 15.12 -9.15
C MET A 3 6.18 15.46 -8.38
N SER A 4 5.11 14.72 -8.65
CA SER A 4 3.89 14.86 -7.89
C SER A 4 4.07 14.18 -6.53
N THR A 5 4.62 14.94 -5.59
CA THR A 5 4.96 14.41 -4.28
C THR A 5 3.71 14.15 -3.43
N LYS A 6 3.51 12.90 -3.05
CA LYS A 6 2.48 12.57 -2.08
C LYS A 6 3.04 12.76 -0.67
N ASN A 7 2.72 13.89 -0.07
CA ASN A 7 3.30 14.28 1.22
C ASN A 7 2.68 13.52 2.38
N PHE A 8 1.92 12.47 2.06
CA PHE A 8 1.38 11.59 3.08
C PHE A 8 2.48 10.69 3.62
N ARG A 9 3.11 11.14 4.69
CA ARG A 9 4.22 10.42 5.30
C ARG A 9 3.74 9.14 5.99
N VAL A 10 3.97 8.02 5.32
CA VAL A 10 3.61 6.71 5.87
C VAL A 10 4.80 6.09 6.59
N SER A 11 4.56 5.01 7.31
CA SER A 11 5.59 4.32 8.05
C SER A 11 6.61 3.65 7.12
N ASP A 12 7.71 3.19 7.68
CA ASP A 12 8.80 2.63 6.88
C ASP A 12 8.40 1.31 6.24
N GLY A 13 7.75 0.45 7.01
CA GLY A 13 7.31 -0.83 6.49
C GLY A 13 6.02 -0.72 5.70
N ASP A 14 5.34 0.41 5.87
CA ASP A 14 4.06 0.63 5.19
C ASP A 14 4.30 0.83 3.70
N TRP A 15 3.39 0.33 2.89
CA TRP A 15 3.59 0.30 1.44
C TRP A 15 2.38 0.87 0.72
N ILE A 16 2.54 1.17 -0.55
CA ILE A 16 1.44 1.53 -1.41
C ILE A 16 1.21 0.42 -2.43
N CYS A 17 -0.01 0.34 -2.94
CA CYS A 17 -0.42 -0.70 -3.87
C CYS A 17 0.61 -0.96 -4.97
N PRO A 18 0.72 -2.23 -5.41
CA PRO A 18 1.75 -2.65 -6.36
C PRO A 18 1.55 -2.08 -7.77
N ASP A 19 0.34 -1.63 -8.07
CA ASP A 19 0.02 -1.16 -9.40
C ASP A 19 -0.50 0.27 -9.39
N LYS A 20 -0.66 0.83 -10.58
CA LYS A 20 -1.19 2.18 -10.74
C LYS A 20 -2.71 2.12 -10.84
N LYS A 21 -3.20 0.97 -11.28
CA LYS A 21 -4.64 0.69 -11.30
C LYS A 21 -5.09 0.33 -9.88
N CYS A 22 -4.11 0.08 -9.03
CA CYS A 22 -4.33 -0.17 -7.62
C CYS A 22 -4.34 1.18 -6.88
N GLY A 23 -3.15 1.65 -6.56
CA GLY A 23 -2.97 3.00 -6.01
C GLY A 23 -3.70 3.25 -4.71
N ASN A 24 -3.77 2.26 -3.84
CA ASN A 24 -4.37 2.43 -2.52
C ASN A 24 -3.28 2.49 -1.46
N VAL A 25 -3.62 3.05 -0.30
CA VAL A 25 -2.70 3.08 0.83
C VAL A 25 -2.96 1.88 1.73
N ASN A 26 -1.96 1.02 1.87
CA ASN A 26 -2.13 -0.25 2.56
C ASN A 26 -1.30 -0.31 3.83
N PHE A 27 -1.49 -1.37 4.59
CA PHE A 27 -0.79 -1.61 5.83
C PHE A 27 0.34 -2.59 5.63
N ALA A 28 1.48 -2.33 6.24
CA ALA A 28 2.62 -3.23 6.25
C ALA A 28 2.22 -4.66 6.64
N ARG A 29 1.28 -4.76 7.57
CA ARG A 29 0.80 -6.05 8.05
C ARG A 29 -0.29 -6.60 7.14
N ARG A 30 -0.36 -6.07 5.93
CA ARG A 30 -1.33 -6.50 4.95
C ARG A 30 -0.62 -6.98 3.69
N THR A 31 -0.73 -8.27 3.40
CA THR A 31 -0.12 -8.83 2.21
C THR A 31 -0.99 -8.55 0.97
N SER A 32 -2.19 -8.05 1.22
CA SER A 32 -3.10 -7.66 0.16
C SER A 32 -3.72 -6.33 0.51
N CYS A 33 -4.15 -5.55 -0.50
CA CYS A 33 -4.75 -4.27 -0.24
C CYS A 33 -6.03 -4.35 0.60
N ASP A 34 -6.53 -3.17 0.93
CA ASP A 34 -7.76 -3.02 1.68
C ASP A 34 -8.91 -2.68 0.75
N ARG A 35 -8.58 -2.07 -0.40
CA ARG A 35 -9.59 -1.63 -1.35
C ARG A 35 -9.68 -2.58 -2.55
N CYS A 36 -8.61 -2.64 -3.33
CA CYS A 36 -8.59 -3.41 -4.56
C CYS A 36 -8.40 -4.91 -4.27
N GLY A 37 -7.54 -5.22 -3.33
CA GLY A 37 -7.33 -6.59 -2.94
C GLY A 37 -6.31 -7.29 -3.81
N ARG A 38 -5.17 -6.65 -4.00
CA ARG A 38 -4.06 -7.24 -4.74
C ARG A 38 -2.99 -7.65 -3.74
N GLU A 39 -2.18 -8.62 -4.10
CA GLU A 39 -1.13 -9.08 -3.21
C GLU A 39 0.13 -8.23 -3.40
N LYS A 40 0.79 -7.93 -2.29
CA LYS A 40 2.00 -7.14 -2.29
C LYS A 40 3.14 -7.89 -2.97
N THR A 41 3.40 -7.55 -4.22
CA THR A 41 4.43 -8.22 -4.99
C THR A 41 5.82 -7.71 -4.63
N THR A 42 6.60 -8.53 -3.95
CA THR A 42 7.98 -8.20 -3.66
C THR A 42 8.80 -8.28 -4.94
N GLY A 43 8.42 -9.21 -5.80
CA GLY A 43 9.05 -9.37 -7.09
C GLY A 43 8.14 -10.13 -8.05
N PRO A 44 8.20 -9.83 -9.35
CA PRO A 44 7.40 -10.50 -10.37
C PRO A 44 7.79 -11.98 -10.51
N ILE A 45 8.61 -12.29 -11.50
CA ILE A 45 9.10 -13.64 -11.71
C ILE A 45 10.46 -13.62 -12.37
ZN ZN B . -4.41 -2.29 -4.38
N GLY A 1 9.35 8.55 -3.18
CA GLY A 1 9.90 8.82 -4.53
C GLY A 1 8.83 9.23 -5.52
N SER A 2 9.11 10.29 -6.29
CA SER A 2 8.17 10.83 -7.28
C SER A 2 6.96 11.49 -6.61
N MET A 3 6.12 10.70 -5.96
CA MET A 3 4.94 11.23 -5.29
C MET A 3 5.07 11.08 -3.79
N SER A 4 5.19 12.20 -3.10
CA SER A 4 5.34 12.19 -1.65
C SER A 4 4.00 12.42 -0.97
N THR A 5 3.72 11.63 0.06
CA THR A 5 2.51 11.79 0.84
C THR A 5 2.62 13.03 1.72
N LYS A 6 2.02 14.13 1.27
CA LYS A 6 2.05 15.38 2.02
C LYS A 6 1.06 15.32 3.18
N ASN A 7 -0.08 14.72 2.91
CA ASN A 7 -1.09 14.49 3.94
C ASN A 7 -0.98 13.05 4.41
N PHE A 8 -0.75 12.87 5.71
CA PHE A 8 -0.47 11.56 6.28
C PHE A 8 0.81 11.01 5.67
N ARG A 9 1.94 11.48 6.18
CA ARG A 9 3.25 11.13 5.64
C ARG A 9 3.65 9.71 6.04
N VAL A 10 3.12 8.73 5.30
CA VAL A 10 3.48 7.34 5.52
C VAL A 10 4.77 7.00 4.79
N SER A 11 5.89 7.31 5.41
CA SER A 11 7.19 6.91 4.91
C SER A 11 7.72 5.72 5.71
N ASP A 12 6.81 4.87 6.12
CA ASP A 12 7.13 3.76 7.03
C ASP A 12 7.28 2.44 6.26
N GLY A 13 6.87 1.36 6.89
CA GLY A 13 6.90 0.05 6.24
C GLY A 13 5.63 -0.22 5.48
N ASP A 14 4.91 0.84 5.18
CA ASP A 14 3.67 0.78 4.41
C ASP A 14 3.98 0.50 2.94
N TRP A 15 2.92 0.33 2.16
CA TRP A 15 3.08 0.11 0.73
C TRP A 15 1.77 0.42 -0.01
N ILE A 16 1.91 0.82 -1.26
CA ILE A 16 0.77 1.05 -2.12
C ILE A 16 0.62 -0.11 -3.08
N CYS A 17 -0.59 -0.31 -3.60
CA CYS A 17 -0.88 -1.38 -4.55
C CYS A 17 0.24 -1.50 -5.59
N PRO A 18 0.60 -2.75 -5.97
CA PRO A 18 1.76 -3.00 -6.83
C PRO A 18 1.68 -2.25 -8.16
N ASP A 19 0.46 -2.05 -8.65
CA ASP A 19 0.23 -1.24 -9.82
C ASP A 19 -0.56 0.00 -9.42
N LYS A 20 0.00 1.16 -9.69
CA LYS A 20 -0.55 2.40 -9.14
C LYS A 20 -1.73 2.94 -9.96
N LYS A 21 -2.54 2.04 -10.50
CA LYS A 21 -3.85 2.42 -11.01
C LYS A 21 -4.82 2.44 -9.83
N CYS A 22 -4.36 1.84 -8.75
CA CYS A 22 -5.03 1.89 -7.46
C CYS A 22 -4.22 2.79 -6.54
N GLY A 23 -3.10 2.26 -6.08
CA GLY A 23 -2.20 3.03 -5.24
C GLY A 23 -2.76 3.19 -3.84
N ASN A 24 -3.54 2.22 -3.40
CA ASN A 24 -4.11 2.24 -2.07
C ASN A 24 -3.02 2.15 -1.02
N VAL A 25 -3.04 3.06 -0.07
CA VAL A 25 -2.06 3.08 0.99
C VAL A 25 -2.43 2.04 2.04
N ASN A 26 -1.77 0.90 1.96
CA ASN A 26 -2.08 -0.22 2.84
C ASN A 26 -1.33 -0.06 4.16
N PHE A 27 -1.97 -0.54 5.24
CA PHE A 27 -1.46 -0.41 6.61
C PHE A 27 0.07 -0.56 6.68
N ALA A 28 0.55 -1.79 6.51
CA ALA A 28 1.98 -2.10 6.54
C ALA A 28 2.19 -3.59 6.37
N ARG A 29 1.63 -4.36 7.28
CA ARG A 29 1.73 -5.80 7.25
C ARG A 29 0.57 -6.40 6.48
N ARG A 30 -0.18 -5.53 5.81
CA ARG A 30 -1.26 -5.96 4.93
C ARG A 30 -0.66 -6.69 3.74
N THR A 31 -0.95 -7.96 3.61
CA THR A 31 -0.39 -8.75 2.52
C THR A 31 -1.20 -8.57 1.24
N SER A 32 -2.44 -8.14 1.40
CA SER A 32 -3.31 -7.89 0.26
C SER A 32 -3.89 -6.49 0.34
N CYS A 33 -4.15 -5.87 -0.81
CA CYS A 33 -4.74 -4.55 -0.86
C CYS A 33 -6.07 -4.51 -0.13
N ASP A 34 -6.28 -3.44 0.62
CA ASP A 34 -7.53 -3.24 1.32
C ASP A 34 -8.62 -2.84 0.34
N ARG A 35 -8.20 -2.33 -0.81
CA ARG A 35 -9.13 -1.91 -1.85
C ARG A 35 -9.40 -3.05 -2.83
N CYS A 36 -8.33 -3.59 -3.38
CA CYS A 36 -8.42 -4.65 -4.36
C CYS A 36 -8.51 -6.02 -3.70
N GLY A 37 -7.48 -6.35 -2.93
CA GLY A 37 -7.35 -7.69 -2.41
C GLY A 37 -6.18 -8.40 -3.05
N ARG A 38 -5.55 -7.72 -3.99
CA ARG A 38 -4.36 -8.23 -4.66
C ARG A 38 -3.21 -8.36 -3.67
N GLU A 39 -2.44 -9.43 -3.79
CA GLU A 39 -1.34 -9.67 -2.86
C GLU A 39 -0.12 -8.85 -3.25
N LYS A 40 0.66 -8.45 -2.24
CA LYS A 40 1.89 -7.70 -2.45
C LYS A 40 2.82 -8.42 -3.42
N THR A 41 2.81 -7.99 -4.67
CA THR A 41 3.62 -8.60 -5.70
C THR A 41 4.91 -7.83 -5.90
N THR A 42 5.08 -6.80 -5.10
CA THR A 42 6.26 -5.93 -5.18
C THR A 42 7.40 -6.47 -4.33
N GLY A 43 8.49 -6.87 -4.98
CA GLY A 43 9.65 -7.35 -4.26
C GLY A 43 9.68 -8.87 -4.14
N PRO A 44 10.63 -9.53 -4.82
CA PRO A 44 10.75 -10.98 -4.81
C PRO A 44 11.59 -11.49 -3.64
N ILE A 45 11.66 -12.81 -3.50
CA ILE A 45 12.46 -13.42 -2.44
C ILE A 45 13.62 -14.21 -3.03
ZN ZN B . -5.35 -1.91 -4.74
#